data_3IUN
#
_entry.id   3IUN
#
_cell.length_a   62.810
_cell.length_b   93.599
_cell.length_c   152.896
_cell.angle_alpha   90.00
_cell.angle_beta   90.00
_cell.angle_gamma   90.00
#
_symmetry.space_group_name_H-M   'P 21 21 21'
#
loop_
_entity.id
_entity.type
_entity.pdbx_description
1 polymer 'Prolyl Endopeptidase'
2 non-polymer GLYCEROL
3 water water
#
_entity_poly.entity_id   1
_entity_poly.type   'polypeptide(L)'
_entity_poly.pdbx_seq_one_letter_code
;GSHMSGKARLHYPVTRQGEQVDHYFGQAVADPYRWLEDDRSPETEAWVKAQNAVTQDYLAQIPYRAAIKEKLAASWNYAK
EGAPFREGRYHYFFKNDGLQNQNVLWRQQEGKPAEVFLDPNTLSPDGTTALDQLSFSRDGRILAYSLSLAGSDWREIHLM
DVESKQPLETPLKDVKFSGISWLGNEGFFYSSYDKPDGSELSARTDQHKVYFHRLGTAQEDDRLVFGAIPAQHHRYVGAT
VTEDDRFLLISAANSTSGNRLYVKDLSQENAPLLTVQGDLDADVSLVDNKGSTLYLLTNRDAPNRRLVTVDAANPGPAHW
RDLIPERQQVLTVHSGSGYLFAEYMVDATARVEQFDYEGKRVREVALPGLGSVSGFNGKHDDPALYFGFENYAQPPTLYR
FEPKSGAISLYRASAAPFKPEDYVSEQRFYQSKDGTRVPLIISYRKGLKLDGSNPTILYGYGGFDVSLTPSFSVSVANWL
DLGGVYAVANLRGGGEYGQAWHLAGTQQNKQNVFDDFIAAAEYLKAEGYTRTDRLAIRGGSNGGLLVGAVMTQRPDLMRV
ALPAVGVLDMLRYHTFTAGTGWAYDYGTSADSEAMFDYLKGYSPLHNVRPGVSYPSTMVTTADHNDRVVPAHSFKFAATL
QADNAGPHPQLIRIETNAGHGAGTPVAKLIEQSADIYAFTLYEMGYRELPRQP
;
_entity_poly.pdbx_strand_id   A
#
loop_
_chem_comp.id
_chem_comp.type
_chem_comp.name
_chem_comp.formula
GOL non-polymer GLYCEROL 'C3 H8 O3'
#
# COMPACT_ATOMS: atom_id res chain seq x y z
N LEU A 10 28.83 -26.78 -5.91
CA LEU A 10 27.68 -26.37 -5.05
C LEU A 10 27.16 -27.60 -4.31
N HIS A 11 27.23 -27.57 -2.98
CA HIS A 11 26.79 -28.70 -2.17
C HIS A 11 25.64 -28.33 -1.27
N TYR A 12 24.42 -28.68 -1.68
CA TYR A 12 23.24 -28.38 -0.89
C TYR A 12 23.26 -29.22 0.37
N PRO A 13 22.71 -28.68 1.47
CA PRO A 13 22.72 -29.50 2.68
C PRO A 13 21.85 -30.71 2.40
N VAL A 14 21.89 -31.67 3.31
CA VAL A 14 21.08 -32.86 3.19
C VAL A 14 19.69 -32.48 3.71
N THR A 15 18.64 -32.89 3.00
CA THR A 15 17.30 -32.61 3.50
C THR A 15 16.60 -33.95 3.64
N ARG A 16 16.34 -34.32 4.89
CA ARG A 16 15.69 -35.57 5.23
C ARG A 16 14.30 -35.71 4.60
N GLN A 17 14.04 -36.90 4.08
CA GLN A 17 12.74 -37.17 3.48
C GLN A 17 11.99 -38.10 4.43
N GLY A 18 10.77 -37.72 4.79
CA GLY A 18 9.95 -38.53 5.68
C GLY A 18 8.94 -39.37 4.93
N GLU A 19 8.05 -40.05 5.64
CA GLU A 19 7.04 -40.89 4.98
C GLU A 19 5.60 -40.37 5.06
N GLN A 20 5.43 -39.09 5.35
CA GLN A 20 4.09 -38.54 5.45
C GLN A 20 3.37 -38.60 4.11
N VAL A 21 2.17 -39.15 4.11
CA VAL A 21 1.36 -39.24 2.90
C VAL A 21 -0.01 -38.67 3.23
N ASP A 22 -0.51 -37.79 2.38
CA ASP A 22 -1.81 -37.18 2.60
C ASP A 22 -2.84 -37.72 1.60
N HIS A 23 -4.11 -37.71 2.00
CA HIS A 23 -5.17 -38.20 1.12
C HIS A 23 -6.23 -37.15 0.86
N TYR A 24 -6.53 -36.94 -0.42
CA TYR A 24 -7.53 -35.95 -0.83
C TYR A 24 -8.49 -36.65 -1.78
N PHE A 25 -9.73 -36.83 -1.33
CA PHE A 25 -10.76 -37.49 -2.13
C PHE A 25 -10.21 -38.75 -2.77
N GLY A 26 -9.66 -39.64 -1.94
CA GLY A 26 -9.12 -40.88 -2.47
C GLY A 26 -7.72 -40.80 -3.05
N GLN A 27 -7.30 -39.62 -3.50
CA GLN A 27 -5.97 -39.48 -4.05
C GLN A 27 -4.91 -39.27 -2.97
N ALA A 28 -3.81 -40.01 -3.09
CA ALA A 28 -2.73 -39.92 -2.13
C ALA A 28 -1.60 -39.02 -2.64
N VAL A 29 -1.12 -38.15 -1.75
CA VAL A 29 -0.04 -37.23 -2.10
C VAL A 29 1.05 -37.30 -1.03
N ALA A 30 2.26 -37.62 -1.46
CA ALA A 30 3.38 -37.71 -0.53
C ALA A 30 3.87 -36.31 -0.17
N ASP A 31 4.26 -36.15 1.10
CA ASP A 31 4.80 -34.89 1.58
C ASP A 31 6.06 -35.21 2.39
N PRO A 32 7.16 -35.55 1.69
CA PRO A 32 8.42 -35.90 2.33
C PRO A 32 9.05 -34.85 3.24
N TYR A 33 8.70 -33.57 3.04
CA TYR A 33 9.28 -32.52 3.88
C TYR A 33 8.30 -31.91 4.88
N ARG A 34 7.30 -32.69 5.28
CA ARG A 34 6.30 -32.25 6.24
C ARG A 34 6.95 -31.67 7.49
N TRP A 35 8.03 -32.29 7.95
CA TRP A 35 8.70 -31.81 9.16
C TRP A 35 9.22 -30.37 9.02
N LEU A 36 9.48 -29.91 7.81
CA LEU A 36 9.95 -28.54 7.65
C LEU A 36 8.84 -27.50 7.87
N GLU A 37 7.61 -27.97 8.07
CA GLU A 37 6.49 -27.05 8.31
C GLU A 37 6.58 -26.41 9.69
N ASP A 38 7.33 -27.05 10.58
CA ASP A 38 7.53 -26.54 11.93
C ASP A 38 8.81 -25.72 11.93
N ASP A 39 8.69 -24.41 11.73
CA ASP A 39 9.85 -23.53 11.67
C ASP A 39 10.54 -23.27 13.01
N ARG A 40 10.07 -23.92 14.07
CA ARG A 40 10.68 -23.73 15.38
C ARG A 40 11.23 -25.01 16.00
N SER A 41 11.29 -26.09 15.21
CA SER A 41 11.83 -27.35 15.73
C SER A 41 13.36 -27.25 15.62
N PRO A 42 14.09 -27.97 16.48
CA PRO A 42 15.54 -27.89 16.39
C PRO A 42 16.06 -28.33 15.01
N GLU A 43 15.44 -29.36 14.45
CA GLU A 43 15.85 -29.89 13.15
C GLU A 43 15.70 -28.87 12.03
N THR A 44 14.60 -28.13 12.04
CA THR A 44 14.36 -27.11 11.01
C THR A 44 15.31 -25.93 11.13
N GLU A 45 15.52 -25.45 12.35
CA GLU A 45 16.42 -24.32 12.57
C GLU A 45 17.83 -24.69 12.13
N ALA A 46 18.21 -25.95 12.34
CA ALA A 46 19.53 -26.40 11.94
C ALA A 46 19.60 -26.42 10.41
N TRP A 47 18.48 -26.77 9.79
CA TRP A 47 18.37 -26.81 8.34
C TRP A 47 18.52 -25.39 7.81
N VAL A 48 17.84 -24.46 8.47
CA VAL A 48 17.91 -23.06 8.08
C VAL A 48 19.35 -22.58 8.11
N LYS A 49 19.99 -22.83 9.25
CA LYS A 49 21.37 -22.44 9.47
C LYS A 49 22.26 -22.94 8.35
N ALA A 50 22.10 -24.21 7.99
CA ALA A 50 22.91 -24.82 6.94
C ALA A 50 22.61 -24.25 5.56
N GLN A 51 21.33 -24.03 5.27
CA GLN A 51 20.95 -23.49 3.97
C GLN A 51 21.54 -22.09 3.77
N ASN A 52 21.49 -21.26 4.81
CA ASN A 52 22.04 -19.90 4.74
C ASN A 52 23.54 -19.91 4.52
N ALA A 53 24.22 -20.82 5.20
CA ALA A 53 25.67 -20.93 5.05
C ALA A 53 25.98 -21.24 3.60
N VAL A 54 25.24 -22.17 3.02
CA VAL A 54 25.47 -22.52 1.61
C VAL A 54 25.16 -21.33 0.71
N THR A 55 24.02 -20.68 0.93
CA THR A 55 23.63 -19.54 0.11
C THR A 55 24.67 -18.41 0.20
N GLN A 56 25.06 -18.04 1.41
CA GLN A 56 26.05 -16.98 1.58
C GLN A 56 27.39 -17.33 0.92
N ASP A 57 27.83 -18.58 1.11
CA ASP A 57 29.08 -19.02 0.51
C ASP A 57 29.04 -18.83 -1.00
N TYR A 58 27.87 -19.08 -1.59
CA TYR A 58 27.71 -18.95 -3.02
C TYR A 58 27.74 -17.49 -3.48
N LEU A 59 27.16 -16.61 -2.67
CA LEU A 59 27.10 -15.18 -2.98
C LEU A 59 28.45 -14.51 -2.77
N ALA A 60 29.22 -15.03 -1.82
CA ALA A 60 30.54 -14.47 -1.53
C ALA A 60 31.46 -14.68 -2.74
N GLN A 61 31.04 -15.56 -3.65
CA GLN A 61 31.81 -15.88 -4.85
C GLN A 61 31.53 -14.82 -5.92
N ILE A 62 30.69 -13.85 -5.58
CA ILE A 62 30.36 -12.81 -6.54
C ILE A 62 31.22 -11.57 -6.30
N PRO A 63 32.04 -11.21 -7.31
CA PRO A 63 32.98 -10.08 -7.34
C PRO A 63 32.39 -8.70 -7.02
N TYR A 64 31.30 -8.38 -7.69
CA TYR A 64 30.66 -7.08 -7.53
C TYR A 64 29.54 -6.98 -6.49
N ARG A 65 29.38 -8.00 -5.66
CA ARG A 65 28.31 -7.93 -4.66
C ARG A 65 28.48 -6.71 -3.78
N ALA A 66 29.64 -6.56 -3.15
CA ALA A 66 29.88 -5.43 -2.26
C ALA A 66 29.73 -4.07 -2.95
N ALA A 67 29.98 -4.04 -4.26
CA ALA A 67 29.87 -2.77 -4.99
C ALA A 67 28.41 -2.38 -5.12
N ILE A 68 27.56 -3.36 -5.46
CA ILE A 68 26.13 -3.13 -5.59
C ILE A 68 25.56 -2.72 -4.23
N LYS A 69 26.03 -3.37 -3.18
CA LYS A 69 25.56 -3.05 -1.83
C LYS A 69 25.88 -1.60 -1.51
N GLU A 70 27.17 -1.25 -1.56
CA GLU A 70 27.60 0.11 -1.29
C GLU A 70 26.79 1.13 -2.07
N LYS A 71 26.61 0.90 -3.37
CA LYS A 71 25.85 1.81 -4.21
C LYS A 71 24.44 2.00 -3.65
N LEU A 72 23.79 0.90 -3.26
CA LEU A 72 22.45 0.95 -2.71
C LEU A 72 22.39 1.72 -1.39
N ALA A 73 23.34 1.45 -0.50
CA ALA A 73 23.40 2.10 0.81
C ALA A 73 23.67 3.60 0.70
N ALA A 74 24.35 3.98 -0.36
CA ALA A 74 24.71 5.38 -0.58
C ALA A 74 23.56 6.19 -1.14
N SER A 75 22.58 5.51 -1.72
CA SER A 75 21.44 6.18 -2.33
C SER A 75 20.12 5.88 -1.62
N TRP A 76 20.17 5.00 -0.64
CA TRP A 76 18.97 4.58 0.07
C TRP A 76 18.22 5.68 0.82
N ASN A 77 18.95 6.47 1.61
CA ASN A 77 18.31 7.53 2.38
C ASN A 77 18.50 8.91 1.78
N TYR A 78 17.47 9.76 1.93
CA TYR A 78 17.50 11.12 1.41
C TYR A 78 16.35 11.97 1.96
N ALA A 79 16.61 13.26 2.09
CA ALA A 79 15.65 14.23 2.61
C ALA A 79 14.33 14.27 1.85
N LYS A 80 13.27 14.66 2.56
CA LYS A 80 11.93 14.74 1.98
C LYS A 80 11.22 15.99 2.49
N GLU A 81 10.26 16.46 1.71
CA GLU A 81 9.51 17.66 2.08
C GLU A 81 8.08 17.58 1.58
N GLY A 82 7.12 17.96 2.44
CA GLY A 82 5.73 17.92 2.06
C GLY A 82 5.22 19.28 1.63
N ALA A 83 4.00 19.31 1.08
CA ALA A 83 3.40 20.57 0.64
C ALA A 83 3.15 21.47 1.84
N PRO A 84 3.18 22.80 1.63
CA PRO A 84 2.96 23.78 2.70
C PRO A 84 1.48 24.08 2.90
N PHE A 85 1.07 24.28 4.16
CA PHE A 85 -0.31 24.63 4.44
C PHE A 85 -0.41 25.79 5.41
N ARG A 86 -1.31 26.71 5.12
CA ARG A 86 -1.53 27.92 5.93
C ARG A 86 -2.41 27.68 7.15
N GLU A 87 -1.95 28.19 8.30
CA GLU A 87 -2.71 28.09 9.55
C GLU A 87 -2.43 29.39 10.28
N GLY A 88 -3.41 30.28 10.30
CA GLY A 88 -3.22 31.55 10.97
C GLY A 88 -2.28 32.45 10.19
N ARG A 89 -1.17 32.84 10.81
CA ARG A 89 -0.23 33.73 10.13
C ARG A 89 1.07 33.03 9.74
N TYR A 90 1.01 31.72 9.58
CA TYR A 90 2.19 30.92 9.21
C TYR A 90 1.86 29.82 8.21
N HIS A 91 2.88 29.38 7.51
CA HIS A 91 2.76 28.26 6.57
C HIS A 91 3.50 27.13 7.25
N TYR A 92 2.89 25.95 7.26
CA TYR A 92 3.51 24.80 7.88
C TYR A 92 3.82 23.75 6.83
N PHE A 93 4.86 22.97 7.07
CA PHE A 93 5.24 21.91 6.15
C PHE A 93 6.11 20.90 6.85
N PHE A 94 5.98 19.64 6.47
CA PHE A 94 6.76 18.57 7.07
C PHE A 94 8.07 18.35 6.34
N LYS A 95 9.11 18.00 7.09
CA LYS A 95 10.43 17.74 6.52
C LYS A 95 11.02 16.51 7.18
N ASN A 96 11.96 15.87 6.49
CA ASN A 96 12.63 14.70 7.02
C ASN A 96 14.09 14.67 6.55
N ASP A 97 15.00 14.61 7.51
CA ASP A 97 16.44 14.57 7.23
C ASP A 97 16.79 13.50 6.21
N GLY A 98 15.97 12.45 6.19
CA GLY A 98 16.21 11.33 5.29
C GLY A 98 16.62 10.21 6.21
N LEU A 99 17.07 10.59 7.42
CA LEU A 99 17.50 9.64 8.44
C LEU A 99 16.51 9.62 9.61
N GLN A 100 16.01 10.80 9.98
CA GLN A 100 15.07 10.92 11.09
C GLN A 100 13.95 9.91 10.96
N ASN A 101 13.63 9.25 12.08
CA ASN A 101 12.58 8.25 12.08
C ASN A 101 11.22 8.88 11.79
N GLN A 102 10.95 10.02 12.42
CA GLN A 102 9.69 10.70 12.22
C GLN A 102 9.83 12.07 11.59
N ASN A 103 8.87 12.42 10.75
CA ASN A 103 8.89 13.71 10.09
C ASN A 103 8.75 14.85 11.08
N VAL A 104 9.43 15.96 10.78
CA VAL A 104 9.40 17.11 11.65
C VAL A 104 8.47 18.16 11.04
N LEU A 105 7.75 18.88 11.90
CA LEU A 105 6.85 19.91 11.40
C LEU A 105 7.55 21.27 11.48
N TRP A 106 7.74 21.88 10.32
CA TRP A 106 8.39 23.18 10.24
C TRP A 106 7.37 24.28 10.03
N ARG A 107 7.75 25.49 10.44
CA ARG A 107 6.90 26.66 10.35
C ARG A 107 7.63 27.82 9.69
N GLN A 108 6.91 28.60 8.89
CA GLN A 108 7.52 29.74 8.23
C GLN A 108 6.60 30.95 8.13
N GLN A 109 7.14 32.11 8.45
CA GLN A 109 6.41 33.37 8.43
C GLN A 109 6.98 34.29 7.35
N GLU A 110 6.08 34.85 6.54
CA GLU A 110 6.43 35.76 5.44
C GLU A 110 7.81 36.43 5.52
N GLY A 111 8.11 37.08 6.63
CA GLY A 111 9.39 37.75 6.78
C GLY A 111 10.59 36.84 7.00
N LYS A 112 10.75 36.35 8.22
CA LYS A 112 11.86 35.48 8.60
C LYS A 112 11.96 34.19 7.79
N PRO A 113 12.95 33.33 8.11
CA PRO A 113 13.16 32.05 7.43
C PRO A 113 12.50 30.91 8.19
N ALA A 114 12.36 29.76 7.55
CA ALA A 114 11.74 28.59 8.16
C ALA A 114 12.38 28.24 9.50
N GLU A 115 11.57 27.71 10.41
CA GLU A 115 12.04 27.32 11.74
C GLU A 115 11.34 26.02 12.14
N VAL A 116 11.99 25.24 13.00
CA VAL A 116 11.40 23.99 13.47
C VAL A 116 10.24 24.34 14.39
N PHE A 117 9.12 23.62 14.26
CA PHE A 117 7.97 23.90 15.11
C PHE A 117 7.66 22.76 16.06
N LEU A 118 7.60 21.54 15.53
CA LEU A 118 7.29 20.38 16.34
C LEU A 118 8.11 19.19 15.85
N ASP A 119 8.95 18.66 16.72
CA ASP A 119 9.82 17.53 16.39
C ASP A 119 9.43 16.32 17.23
N PRO A 120 8.61 15.41 16.69
CA PRO A 120 8.16 14.20 17.38
C PRO A 120 9.29 13.30 17.87
N ASN A 121 10.43 13.35 17.19
CA ASN A 121 11.58 12.52 17.53
C ASN A 121 12.08 12.78 18.95
N THR A 122 12.01 14.02 19.40
CA THR A 122 12.49 14.37 20.73
C THR A 122 11.49 14.09 21.84
N LEU A 123 10.37 13.44 21.52
CA LEU A 123 9.35 13.14 22.52
C LEU A 123 9.54 11.74 23.07
N SER A 124 10.41 10.98 22.42
CA SER A 124 10.69 9.61 22.81
C SER A 124 12.20 9.32 22.73
N PRO A 125 12.81 8.97 23.87
CA PRO A 125 14.24 8.68 23.89
C PRO A 125 14.64 7.69 22.79
N ASP A 126 13.69 6.87 22.37
CA ASP A 126 13.93 5.88 21.34
C ASP A 126 13.31 6.31 20.00
N GLY A 127 12.43 7.31 20.06
CA GLY A 127 11.78 7.78 18.85
C GLY A 127 10.52 6.98 18.55
N THR A 128 9.92 6.41 19.60
CA THR A 128 8.71 5.62 19.45
C THR A 128 7.49 6.54 19.41
N THR A 129 7.33 7.36 20.46
CA THR A 129 6.23 8.29 20.55
C THR A 129 6.07 8.97 19.19
N ALA A 130 4.97 8.69 18.50
CA ALA A 130 4.74 9.25 17.18
C ALA A 130 3.53 10.17 17.07
N LEU A 131 3.60 11.09 16.11
CA LEU A 131 2.52 12.03 15.85
C LEU A 131 1.49 11.33 14.98
N ASP A 132 0.21 11.45 15.33
CA ASP A 132 -0.85 10.82 14.56
C ASP A 132 -1.72 11.89 13.87
N GLN A 133 -2.73 12.39 14.58
CA GLN A 133 -3.61 13.42 14.05
C GLN A 133 -3.11 14.83 14.37
N LEU A 134 -3.33 15.76 13.45
CA LEU A 134 -2.90 17.15 13.64
C LEU A 134 -4.00 18.08 13.15
N SER A 135 -4.56 18.87 14.08
CA SER A 135 -5.65 19.78 13.74
C SER A 135 -5.55 21.13 14.44
N PHE A 136 -5.44 22.19 13.64
CA PHE A 136 -5.33 23.54 14.18
C PHE A 136 -6.72 24.14 14.40
N SER A 137 -6.83 25.08 15.33
CA SER A 137 -8.11 25.75 15.59
C SER A 137 -8.35 26.63 14.37
N ARG A 138 -9.58 27.14 14.23
CA ARG A 138 -9.91 27.95 13.07
C ARG A 138 -8.96 29.12 12.84
N ASP A 139 -8.55 29.80 13.91
CA ASP A 139 -7.66 30.93 13.77
C ASP A 139 -6.18 30.55 13.69
N GLY A 140 -5.90 29.25 13.79
CA GLY A 140 -4.52 28.80 13.72
C GLY A 140 -3.69 29.10 14.96
N ARG A 141 -4.32 29.66 15.99
CA ARG A 141 -3.60 30.00 17.23
C ARG A 141 -3.43 28.83 18.19
N ILE A 142 -4.23 27.77 18.01
CA ILE A 142 -4.10 26.61 18.88
C ILE A 142 -3.92 25.33 18.08
N LEU A 143 -3.12 24.41 18.61
CA LEU A 143 -2.88 23.14 17.93
C LEU A 143 -3.21 21.95 18.82
N ALA A 144 -4.08 21.10 18.30
CA ALA A 144 -4.46 19.87 18.98
C ALA A 144 -3.78 18.78 18.19
N TYR A 145 -3.11 17.86 18.85
CA TYR A 145 -2.46 16.78 18.15
C TYR A 145 -2.44 15.55 19.03
N SER A 146 -2.58 14.38 18.41
CA SER A 146 -2.59 13.15 19.14
C SER A 146 -1.27 12.41 18.92
N LEU A 147 -0.78 11.79 19.97
CA LEU A 147 0.47 11.04 19.92
C LEU A 147 0.21 9.62 20.35
N SER A 148 0.91 8.69 19.70
CA SER A 148 0.79 7.27 20.00
C SER A 148 2.12 6.73 20.48
N LEU A 149 2.09 5.95 21.55
CA LEU A 149 3.30 5.36 22.07
C LEU A 149 3.47 3.99 21.43
N ALA A 150 4.73 3.60 21.23
CA ALA A 150 5.06 2.30 20.64
C ALA A 150 4.03 1.88 19.59
N GLY A 151 3.61 0.61 19.66
CA GLY A 151 2.63 0.14 18.71
C GLY A 151 1.24 0.07 19.34
N SER A 152 0.95 1.04 20.19
CA SER A 152 -0.33 1.09 20.89
C SER A 152 -1.41 1.78 20.08
N ASP A 153 -2.66 1.47 20.39
CA ASP A 153 -3.81 2.06 19.71
C ASP A 153 -4.33 3.28 20.48
N TRP A 154 -3.98 3.36 21.76
CA TRP A 154 -4.43 4.48 22.58
C TRP A 154 -3.75 5.78 22.17
N ARG A 155 -4.38 6.89 22.55
CA ARG A 155 -3.87 8.20 22.22
C ARG A 155 -4.18 9.21 23.30
N GLU A 156 -3.46 10.31 23.25
CA GLU A 156 -3.66 11.44 24.15
C GLU A 156 -3.74 12.60 23.17
N ILE A 157 -4.55 13.60 23.48
CA ILE A 157 -4.63 14.75 22.62
C ILE A 157 -4.00 15.93 23.37
N HIS A 158 -2.89 16.43 22.86
CA HIS A 158 -2.21 17.57 23.50
C HIS A 158 -2.67 18.90 22.92
N LEU A 159 -2.69 19.92 23.76
CA LEU A 159 -3.08 21.24 23.31
C LEU A 159 -1.88 22.15 23.49
N MET A 160 -1.45 22.75 22.40
CA MET A 160 -0.29 23.64 22.42
C MET A 160 -0.62 25.03 21.95
N ASP A 161 -0.06 26.03 22.66
CA ASP A 161 -0.24 27.42 22.28
C ASP A 161 0.78 27.62 21.16
N VAL A 162 0.30 27.88 19.96
CA VAL A 162 1.17 28.05 18.78
C VAL A 162 2.25 29.12 18.93
N GLU A 163 1.89 30.31 19.41
CA GLU A 163 2.87 31.36 19.54
C GLU A 163 3.99 31.06 20.55
N SER A 164 3.64 30.51 21.69
CA SER A 164 4.65 30.20 22.71
C SER A 164 5.21 28.79 22.60
N LYS A 165 4.51 27.91 21.88
CA LYS A 165 4.92 26.53 21.72
C LYS A 165 4.81 25.75 23.03
N GLN A 166 4.12 26.31 24.02
CA GLN A 166 3.95 25.65 25.32
C GLN A 166 2.56 25.01 25.43
N PRO A 167 2.42 24.03 26.34
CA PRO A 167 1.15 23.32 26.57
C PRO A 167 0.05 24.27 27.05
N LEU A 168 -1.06 24.32 26.32
CA LEU A 168 -2.16 25.20 26.71
C LEU A 168 -2.91 24.62 27.91
N GLU A 169 -3.20 23.32 27.85
CA GLU A 169 -3.91 22.65 28.92
C GLU A 169 -3.37 21.26 29.05
N THR A 170 -3.80 20.57 30.09
CA THR A 170 -3.37 19.20 30.30
C THR A 170 -4.00 18.38 29.16
N PRO A 171 -3.27 17.38 28.65
CA PRO A 171 -3.80 16.57 27.55
C PRO A 171 -4.99 15.63 27.85
N LEU A 172 -5.82 15.44 26.83
CA LEU A 172 -6.98 14.55 26.95
C LEU A 172 -6.49 13.11 26.88
N LYS A 173 -7.01 12.25 27.76
CA LYS A 173 -6.60 10.86 27.77
C LYS A 173 -7.70 9.90 27.29
N ASP A 174 -7.35 8.62 27.17
CA ASP A 174 -8.26 7.56 26.73
C ASP A 174 -8.90 7.84 25.38
N VAL A 175 -8.09 8.30 24.44
CA VAL A 175 -8.55 8.59 23.10
C VAL A 175 -8.15 7.42 22.18
N LYS A 176 -9.07 7.00 21.32
CA LYS A 176 -8.77 5.89 20.41
C LYS A 176 -9.59 5.95 19.12
N PHE A 177 -8.96 5.58 18.01
CA PHE A 177 -9.61 5.60 16.70
C PHE A 177 -10.37 6.90 16.54
N SER A 178 -9.69 7.99 16.88
CA SER A 178 -10.30 9.31 16.83
C SER A 178 -9.72 10.34 15.88
N GLY A 179 -10.58 11.22 15.39
CA GLY A 179 -10.14 12.31 14.56
C GLY A 179 -10.14 13.50 15.52
N ILE A 180 -9.87 14.70 15.00
CA ILE A 180 -9.91 15.90 15.83
C ILE A 180 -10.48 16.96 14.91
N SER A 181 -11.68 17.45 15.25
CA SER A 181 -12.33 18.43 14.41
C SER A 181 -12.80 19.63 15.22
N TRP A 182 -12.27 20.79 14.87
CA TRP A 182 -12.60 22.01 15.58
C TRP A 182 -13.91 22.64 15.17
N LEU A 183 -14.50 23.33 16.14
CA LEU A 183 -15.71 24.10 15.94
C LEU A 183 -15.15 25.49 16.24
N GLY A 184 -14.81 26.23 15.18
CA GLY A 184 -14.25 27.56 15.37
C GLY A 184 -13.02 27.55 16.27
N ASN A 185 -13.07 28.34 17.34
CA ASN A 185 -11.96 28.42 18.28
C ASN A 185 -12.45 28.07 19.70
N GLU A 186 -13.63 27.45 19.76
CA GLU A 186 -14.25 27.05 21.02
C GLU A 186 -13.74 25.74 21.58
N GLY A 187 -13.49 24.78 20.70
CA GLY A 187 -13.04 23.48 21.12
C GLY A 187 -13.17 22.51 19.97
N PHE A 188 -13.10 21.21 20.25
CA PHE A 188 -13.15 20.21 19.21
C PHE A 188 -13.82 18.91 19.59
N PHE A 189 -14.23 18.16 18.57
CA PHE A 189 -14.88 16.87 18.73
C PHE A 189 -13.83 15.78 18.61
N TYR A 190 -13.97 14.72 19.41
CA TYR A 190 -13.06 13.61 19.37
C TYR A 190 -13.81 12.33 19.79
N SER A 191 -13.25 11.17 19.53
CA SER A 191 -13.90 9.92 19.89
C SER A 191 -13.21 9.17 21.02
N SER A 192 -13.98 8.42 21.79
CA SER A 192 -13.43 7.66 22.90
C SER A 192 -14.44 6.63 23.42
N TYR A 193 -13.93 5.54 23.98
CA TYR A 193 -14.77 4.49 24.53
C TYR A 193 -15.21 4.70 25.98
N ASP A 194 -14.52 5.54 26.73
CA ASP A 194 -14.88 5.70 28.13
C ASP A 194 -15.23 7.10 28.60
N LYS A 195 -16.22 7.16 29.49
CA LYS A 195 -16.67 8.42 30.07
C LYS A 195 -15.48 9.17 30.68
N PRO A 196 -15.47 10.50 30.53
CA PRO A 196 -14.40 11.34 31.07
C PRO A 196 -14.30 11.23 32.59
N ASP A 197 -15.37 10.72 33.19
CA ASP A 197 -15.46 10.54 34.64
C ASP A 197 -14.65 9.31 35.09
N GLY A 198 -15.35 8.19 35.30
CA GLY A 198 -14.72 6.96 35.73
C GLY A 198 -15.72 5.81 35.69
N SER A 202 -15.34 4.69 35.04
CA SER A 202 -16.22 3.52 34.92
C SER A 202 -15.45 2.27 34.43
N ALA A 203 -16.19 1.23 33.99
CA ALA A 203 -15.57 -0.01 33.49
C ALA A 203 -15.80 -0.17 31.98
N ARG A 204 -14.73 -0.47 31.26
CA ARG A 204 -14.74 -0.63 29.80
C ARG A 204 -15.94 -1.23 29.06
N THR A 205 -16.08 -0.82 27.80
CA THR A 205 -17.12 -1.29 26.88
C THR A 205 -16.60 -1.07 25.46
N ASP A 206 -17.36 -1.52 24.47
CA ASP A 206 -16.99 -1.38 23.08
C ASP A 206 -17.94 -0.35 22.44
N GLN A 207 -18.40 0.57 23.26
CA GLN A 207 -19.31 1.61 22.82
C GLN A 207 -18.57 2.93 22.59
N HIS A 208 -18.14 3.13 21.35
CA HIS A 208 -17.42 4.32 20.94
C HIS A 208 -18.35 5.53 21.03
N LYS A 209 -17.85 6.61 21.61
CA LYS A 209 -18.66 7.80 21.78
C LYS A 209 -17.97 9.09 21.30
N VAL A 210 -18.76 10.03 20.81
CA VAL A 210 -18.25 11.31 20.37
C VAL A 210 -18.42 12.29 21.53
N TYR A 211 -17.36 13.03 21.85
CA TYR A 211 -17.39 14.01 22.93
C TYR A 211 -16.88 15.35 22.40
N PHE A 212 -17.34 16.44 22.99
CA PHE A 212 -16.86 17.75 22.60
C PHE A 212 -16.06 18.33 23.75
N HIS A 213 -14.82 18.74 23.49
CA HIS A 213 -14.02 19.34 24.54
C HIS A 213 -13.97 20.85 24.33
N ARG A 214 -14.55 21.58 25.28
CA ARG A 214 -14.52 23.04 25.20
C ARG A 214 -13.23 23.50 25.87
N LEU A 215 -12.44 24.34 25.19
CA LEU A 215 -11.19 24.83 25.77
C LEU A 215 -11.45 25.62 27.05
N GLY A 216 -10.58 25.44 28.04
CA GLY A 216 -10.73 26.14 29.30
C GLY A 216 -11.53 25.36 30.33
N THR A 217 -11.82 24.10 30.04
CA THR A 217 -12.59 23.26 30.96
C THR A 217 -11.80 21.96 31.15
N ALA A 218 -12.20 21.15 32.13
CA ALA A 218 -11.51 19.88 32.35
C ALA A 218 -12.18 18.82 31.47
N GLN A 219 -11.40 17.83 31.04
CA GLN A 219 -11.92 16.76 30.20
C GLN A 219 -13.09 16.05 30.86
N GLU A 220 -13.02 15.87 32.17
CA GLU A 220 -14.08 15.20 32.90
C GLU A 220 -15.44 15.85 32.66
N ASP A 221 -15.44 17.11 32.20
CA ASP A 221 -16.70 17.79 31.94
C ASP A 221 -17.07 17.86 30.45
N ASP A 222 -16.36 17.13 29.59
CA ASP A 222 -16.68 17.14 28.16
C ASP A 222 -18.10 16.61 27.95
N ARG A 223 -18.88 17.31 27.13
CA ARG A 223 -20.24 16.88 26.89
C ARG A 223 -20.38 15.74 25.89
N LEU A 224 -21.27 14.80 26.20
CA LEU A 224 -21.55 13.64 25.36
C LEU A 224 -22.29 14.12 24.11
N VAL A 225 -21.80 13.74 22.94
CA VAL A 225 -22.47 14.18 21.72
C VAL A 225 -23.22 13.03 21.07
N PHE A 226 -22.61 11.85 21.07
CA PHE A 226 -23.25 10.71 20.43
C PHE A 226 -22.62 9.40 20.88
N GLY A 227 -23.43 8.35 20.89
CA GLY A 227 -22.94 7.03 21.24
C GLY A 227 -23.32 6.36 22.55
N ALA A 228 -23.94 7.09 23.47
CA ALA A 228 -24.28 6.53 24.78
C ALA A 228 -25.59 5.73 24.91
N ILE A 229 -26.70 6.26 24.37
CA ILE A 229 -27.97 5.53 24.46
C ILE A 229 -27.92 4.28 23.56
N PRO A 230 -28.64 3.22 23.93
CA PRO A 230 -28.65 1.99 23.14
C PRO A 230 -28.84 2.18 21.63
N ALA A 231 -29.67 3.13 21.24
CA ALA A 231 -29.92 3.37 19.84
C ALA A 231 -28.70 3.91 19.10
N GLN A 232 -27.71 4.39 19.84
CA GLN A 232 -26.52 4.93 19.22
C GLN A 232 -25.24 4.11 19.44
N HIS A 233 -25.37 2.94 20.07
CA HIS A 233 -24.19 2.09 20.30
C HIS A 233 -23.56 1.62 18.98
N HIS A 234 -22.27 1.86 18.83
CA HIS A 234 -21.51 1.43 17.65
C HIS A 234 -20.07 1.27 18.11
N ARG A 235 -19.33 0.44 17.40
CA ARG A 235 -17.93 0.18 17.73
C ARG A 235 -17.02 1.32 17.26
N TYR A 236 -17.45 2.05 16.23
CA TYR A 236 -16.63 3.15 15.71
C TYR A 236 -17.46 4.37 15.35
N VAL A 237 -17.08 5.52 15.90
CA VAL A 237 -17.77 6.76 15.58
C VAL A 237 -16.75 7.84 15.28
N GLY A 238 -17.09 8.70 14.34
CA GLY A 238 -16.20 9.78 13.96
C GLY A 238 -17.01 11.05 13.86
N ALA A 239 -16.37 12.20 14.03
CA ALA A 239 -17.07 13.47 13.96
C ALA A 239 -16.25 14.47 13.19
N THR A 240 -16.89 15.18 12.27
CA THR A 240 -16.21 16.17 11.45
C THR A 240 -17.05 17.44 11.36
N VAL A 241 -16.41 18.58 11.54
CA VAL A 241 -17.09 19.86 11.43
C VAL A 241 -16.64 20.46 10.09
N THR A 242 -17.57 20.93 9.28
CA THR A 242 -17.24 21.51 7.99
C THR A 242 -16.34 22.75 8.16
N GLU A 243 -15.55 23.01 7.13
CA GLU A 243 -14.62 24.12 7.10
C GLU A 243 -15.25 25.45 7.51
N ASP A 244 -16.50 25.69 7.11
CA ASP A 244 -17.18 26.93 7.45
C ASP A 244 -17.90 26.88 8.80
N ASP A 245 -17.69 25.80 9.56
CA ASP A 245 -18.28 25.65 10.89
C ASP A 245 -19.80 25.56 10.93
N ARG A 246 -20.42 25.27 9.80
CA ARG A 246 -21.87 25.19 9.80
C ARG A 246 -22.45 23.84 10.14
N PHE A 247 -21.81 22.76 9.71
CA PHE A 247 -22.34 21.43 9.98
C PHE A 247 -21.43 20.48 10.72
N LEU A 248 -22.05 19.66 11.57
CA LEU A 248 -21.37 18.62 12.31
C LEU A 248 -21.81 17.29 11.69
N LEU A 249 -20.87 16.52 11.17
CA LEU A 249 -21.15 15.23 10.56
C LEU A 249 -20.63 14.12 11.47
N ILE A 250 -21.52 13.20 11.85
CA ILE A 250 -21.16 12.08 12.71
C ILE A 250 -21.34 10.77 11.98
N SER A 251 -20.28 9.97 11.90
CA SER A 251 -20.37 8.67 11.25
C SER A 251 -20.36 7.61 12.33
N ALA A 252 -21.12 6.54 12.11
CA ALA A 252 -21.21 5.43 13.06
C ALA A 252 -21.08 4.09 12.33
N ALA A 253 -20.23 3.21 12.82
CA ALA A 253 -20.03 1.93 12.17
C ALA A 253 -19.66 0.82 13.15
N ASN A 254 -19.86 -0.42 12.70
CA ASN A 254 -19.54 -1.59 13.50
C ASN A 254 -18.39 -2.35 12.86
N SER A 255 -18.14 -2.05 11.58
CA SER A 255 -17.07 -2.70 10.83
C SER A 255 -16.60 -1.77 9.71
N THR A 256 -15.62 -2.24 8.95
CA THR A 256 -15.08 -1.46 7.85
C THR A 256 -16.03 -1.40 6.67
N SER A 257 -17.14 -2.12 6.76
CA SER A 257 -18.12 -2.14 5.67
C SER A 257 -19.45 -1.47 5.99
N GLY A 258 -19.62 -0.25 5.47
CA GLY A 258 -20.85 0.50 5.69
C GLY A 258 -20.85 1.35 6.96
N ASN A 259 -21.58 2.46 6.93
CA ASN A 259 -21.67 3.32 8.09
C ASN A 259 -22.92 4.18 8.05
N ARG A 260 -23.44 4.51 9.22
CA ARG A 260 -24.58 5.40 9.28
C ARG A 260 -23.94 6.79 9.31
N LEU A 261 -24.71 7.82 8.99
CA LEU A 261 -24.19 9.18 8.97
C LEU A 261 -25.29 10.13 9.42
N TYR A 262 -24.94 11.08 10.28
CA TYR A 262 -25.91 12.05 10.78
C TYR A 262 -25.35 13.46 10.63
N VAL A 263 -26.25 14.43 10.57
CA VAL A 263 -25.82 15.80 10.43
C VAL A 263 -26.55 16.72 11.39
N LYS A 264 -25.83 17.69 11.92
CA LYS A 264 -26.41 18.68 12.83
C LYS A 264 -26.04 20.06 12.30
N ASP A 265 -27.05 20.91 12.17
CA ASP A 265 -26.84 22.26 11.69
C ASP A 265 -26.46 23.14 12.88
N LEU A 266 -25.17 23.45 13.00
CA LEU A 266 -24.65 24.28 14.08
C LEU A 266 -25.01 25.75 13.98
N SER A 267 -25.59 26.17 12.85
CA SER A 267 -25.96 27.57 12.68
C SER A 267 -27.30 27.79 13.36
N GLN A 268 -27.78 26.75 14.04
CA GLN A 268 -29.06 26.83 14.73
C GLN A 268 -28.91 26.29 16.14
N GLU A 269 -29.55 26.97 17.08
CA GLU A 269 -29.48 26.58 18.49
C GLU A 269 -30.16 25.25 18.81
N ASN A 270 -29.41 24.34 19.43
CA ASN A 270 -29.93 23.04 19.81
C ASN A 270 -30.55 22.25 18.67
N ALA A 271 -29.97 22.38 17.48
CA ALA A 271 -30.49 21.65 16.35
C ALA A 271 -30.32 20.17 16.65
N PRO A 272 -31.30 19.34 16.25
CA PRO A 272 -31.20 17.91 16.50
C PRO A 272 -30.40 17.25 15.38
N LEU A 273 -30.02 15.99 15.58
CA LEU A 273 -29.30 15.24 14.55
C LEU A 273 -30.31 14.75 13.54
N LEU A 274 -30.01 14.92 12.25
CA LEU A 274 -30.87 14.42 11.18
C LEU A 274 -30.09 13.26 10.56
N THR A 275 -30.79 12.24 10.07
CA THR A 275 -30.14 11.06 9.51
C THR A 275 -29.84 11.14 8.02
N VAL A 276 -28.56 11.05 7.67
CA VAL A 276 -28.19 11.10 6.27
C VAL A 276 -28.31 9.68 5.69
N GLN A 277 -27.99 8.69 6.51
CA GLN A 277 -28.11 7.29 6.16
C GLN A 277 -28.29 6.54 7.48
N GLY A 278 -29.42 5.85 7.63
CA GLY A 278 -29.71 5.15 8.87
C GLY A 278 -29.41 3.66 8.92
N ASP A 279 -28.81 3.13 7.87
CA ASP A 279 -28.46 1.72 7.85
C ASP A 279 -26.98 1.61 7.50
N LEU A 280 -26.43 0.41 7.64
CA LEU A 280 -25.04 0.15 7.36
C LEU A 280 -24.85 -0.53 6.00
N ASP A 281 -25.85 -0.38 5.13
CA ASP A 281 -25.82 -1.00 3.80
C ASP A 281 -24.76 -0.44 2.86
N ALA A 282 -24.24 0.74 3.16
CA ALA A 282 -23.24 1.33 2.28
C ALA A 282 -22.35 2.34 2.98
N ASP A 283 -21.26 2.70 2.31
CA ASP A 283 -20.31 3.68 2.83
C ASP A 283 -20.70 5.05 2.32
N VAL A 284 -20.71 6.03 3.22
CA VAL A 284 -21.02 7.39 2.85
C VAL A 284 -20.18 8.31 3.72
N SER A 285 -19.57 9.30 3.08
CA SER A 285 -18.73 10.22 3.83
C SER A 285 -18.87 11.64 3.32
N LEU A 286 -18.61 12.59 4.21
CA LEU A 286 -18.70 14.00 3.88
C LEU A 286 -17.50 14.51 3.11
N VAL A 287 -17.78 15.26 2.04
CA VAL A 287 -16.72 15.87 1.25
C VAL A 287 -16.64 17.33 1.66
N ASP A 288 -17.78 18.01 1.65
CA ASP A 288 -17.87 19.42 2.03
C ASP A 288 -19.32 19.90 1.95
N ASN A 289 -19.55 21.17 2.23
CA ASN A 289 -20.88 21.73 2.11
C ASN A 289 -20.72 23.08 1.43
N LYS A 290 -21.80 23.57 0.83
CA LYS A 290 -21.83 24.88 0.23
C LYS A 290 -23.22 25.35 0.57
N GLY A 291 -23.33 26.24 1.54
CA GLY A 291 -24.65 26.69 1.95
C GLY A 291 -25.26 25.49 2.67
N SER A 292 -26.52 25.21 2.41
CA SER A 292 -27.18 24.09 3.07
C SER A 292 -27.02 22.78 2.31
N THR A 293 -26.25 22.82 1.22
CA THR A 293 -26.03 21.64 0.39
C THR A 293 -24.87 20.78 0.87
N LEU A 294 -25.12 19.49 1.07
CA LEU A 294 -24.07 18.57 1.48
C LEU A 294 -23.52 17.83 0.27
N TYR A 295 -22.20 17.64 0.23
CA TYR A 295 -21.56 16.92 -0.86
C TYR A 295 -21.04 15.63 -0.24
N LEU A 296 -21.56 14.51 -0.73
CA LEU A 296 -21.22 13.21 -0.16
C LEU A 296 -20.63 12.21 -1.16
N LEU A 297 -19.65 11.46 -0.69
CA LEU A 297 -19.02 10.40 -1.49
C LEU A 297 -19.65 9.13 -0.97
N THR A 298 -20.13 8.29 -1.86
CA THR A 298 -20.78 7.06 -1.42
C THR A 298 -20.74 5.95 -2.48
N ASN A 299 -20.84 4.71 -2.01
CA ASN A 299 -20.86 3.58 -2.91
C ASN A 299 -22.26 2.96 -2.88
N ARG A 300 -23.22 3.70 -2.32
CA ARG A 300 -24.59 3.22 -2.26
C ARG A 300 -25.18 3.15 -3.66
N ASP A 301 -25.52 1.93 -4.09
CA ASP A 301 -26.07 1.69 -5.43
C ASP A 301 -25.03 2.06 -6.47
N ALA A 302 -23.75 2.04 -6.08
CA ALA A 302 -22.67 2.39 -6.99
C ALA A 302 -21.33 1.89 -6.46
N PRO A 303 -20.96 0.67 -6.84
CA PRO A 303 -19.70 0.02 -6.42
C PRO A 303 -18.47 0.87 -6.69
N ASN A 304 -18.43 1.55 -7.83
CA ASN A 304 -17.27 2.38 -8.15
C ASN A 304 -17.39 3.78 -7.55
N ARG A 305 -18.47 3.99 -6.80
CA ARG A 305 -18.75 5.25 -6.11
C ARG A 305 -19.17 6.43 -6.96
N ARG A 306 -19.88 7.36 -6.33
CA ARG A 306 -20.37 8.57 -6.98
C ARG A 306 -20.39 9.69 -5.94
N LEU A 307 -20.41 10.93 -6.41
CA LEU A 307 -20.46 12.09 -5.53
C LEU A 307 -21.86 12.64 -5.70
N VAL A 308 -22.57 12.80 -4.59
CA VAL A 308 -23.94 13.29 -4.62
C VAL A 308 -24.12 14.50 -3.71
N THR A 309 -25.23 15.20 -3.92
CA THR A 309 -25.55 16.35 -3.09
C THR A 309 -26.96 16.14 -2.55
N VAL A 310 -27.26 16.81 -1.45
CA VAL A 310 -28.57 16.75 -0.84
C VAL A 310 -28.63 17.87 0.16
N ASP A 311 -29.80 18.48 0.33
CA ASP A 311 -29.91 19.56 1.28
C ASP A 311 -29.87 18.99 2.70
N ALA A 312 -29.12 19.66 3.57
CA ALA A 312 -28.98 19.24 4.96
C ALA A 312 -30.31 19.16 5.71
N ALA A 313 -31.31 19.92 5.24
CA ALA A 313 -32.61 19.92 5.91
C ALA A 313 -33.46 18.66 5.67
N ASN A 314 -33.09 17.84 4.68
CA ASN A 314 -33.82 16.59 4.38
C ASN A 314 -32.82 15.76 3.58
N PRO A 315 -31.78 15.25 4.26
CA PRO A 315 -30.66 14.47 3.74
C PRO A 315 -30.73 12.95 3.48
N GLY A 316 -31.88 12.32 3.68
CA GLY A 316 -32.00 10.89 3.45
C GLY A 316 -31.58 10.44 2.05
N PRO A 317 -31.15 9.17 1.89
CA PRO A 317 -30.72 8.61 0.61
C PRO A 317 -31.68 8.76 -0.60
N ALA A 318 -32.97 8.85 -0.34
CA ALA A 318 -33.95 9.01 -1.41
C ALA A 318 -33.87 10.40 -2.03
N HIS A 319 -33.22 11.32 -1.35
CA HIS A 319 -33.12 12.68 -1.84
C HIS A 319 -31.77 13.03 -2.45
N TRP A 320 -30.85 12.07 -2.44
CA TRP A 320 -29.52 12.27 -3.00
C TRP A 320 -29.61 12.40 -4.53
N ARG A 321 -28.84 13.33 -5.08
CA ARG A 321 -28.80 13.54 -6.51
C ARG A 321 -27.35 13.55 -6.97
N ASP A 322 -27.07 12.82 -8.04
CA ASP A 322 -25.72 12.73 -8.57
C ASP A 322 -25.15 14.07 -9.01
N LEU A 323 -23.91 14.33 -8.61
CA LEU A 323 -23.22 15.54 -9.00
C LEU A 323 -22.14 15.01 -9.94
N ILE A 324 -21.49 13.95 -9.51
CA ILE A 324 -20.48 13.27 -10.33
C ILE A 324 -20.91 11.81 -10.35
N PRO A 325 -21.60 11.39 -11.42
CA PRO A 325 -22.11 10.03 -11.61
C PRO A 325 -21.07 8.93 -11.56
N GLU A 326 -21.50 7.75 -11.13
CA GLU A 326 -20.62 6.58 -11.06
C GLU A 326 -20.08 6.29 -12.46
N ARG A 327 -18.78 6.03 -12.56
CA ARG A 327 -18.18 5.72 -13.86
C ARG A 327 -17.62 4.30 -13.82
N GLN A 328 -16.89 3.94 -14.87
CA GLN A 328 -16.33 2.60 -14.95
C GLN A 328 -15.15 2.46 -14.01
N GLN A 329 -14.58 3.59 -13.59
CA GLN A 329 -13.44 3.57 -12.67
C GLN A 329 -13.87 4.02 -11.28
N VAL A 330 -13.18 3.53 -10.26
CA VAL A 330 -13.46 3.88 -8.87
C VAL A 330 -13.08 5.33 -8.59
N LEU A 331 -14.06 6.10 -8.09
CA LEU A 331 -13.86 7.51 -7.80
C LEU A 331 -13.34 7.86 -6.41
N THR A 332 -12.45 8.86 -6.36
CA THR A 332 -11.92 9.37 -5.10
C THR A 332 -12.07 10.89 -5.23
N VAL A 333 -12.57 11.56 -4.20
CA VAL A 333 -12.78 13.00 -4.27
C VAL A 333 -11.95 13.84 -3.29
N HIS A 334 -11.40 14.92 -3.80
CA HIS A 334 -10.60 15.86 -3.02
C HIS A 334 -11.27 17.22 -3.26
N SER A 335 -11.12 18.14 -2.33
CA SER A 335 -11.68 19.47 -2.52
C SER A 335 -10.60 20.49 -2.15
N GLY A 336 -10.68 21.67 -2.77
CA GLY A 336 -9.70 22.71 -2.49
C GLY A 336 -9.86 23.93 -3.37
N SER A 337 -9.56 25.09 -2.81
CA SER A 337 -9.63 26.35 -3.53
C SER A 337 -10.99 26.61 -4.19
N GLY A 338 -12.05 26.03 -3.62
CA GLY A 338 -13.37 26.20 -4.18
C GLY A 338 -13.64 25.26 -5.34
N TYR A 339 -12.87 24.18 -5.41
CA TYR A 339 -13.03 23.21 -6.48
C TYR A 339 -13.04 21.77 -5.96
N LEU A 340 -13.65 20.89 -6.74
CA LEU A 340 -13.72 19.48 -6.38
C LEU A 340 -12.86 18.75 -7.40
N PHE A 341 -12.06 17.80 -6.94
CA PHE A 341 -11.19 17.07 -7.84
C PHE A 341 -11.49 15.59 -7.83
N ALA A 342 -11.96 15.09 -8.96
CA ALA A 342 -12.27 13.67 -9.10
C ALA A 342 -11.03 12.91 -9.54
N GLU A 343 -10.56 11.99 -8.70
CA GLU A 343 -9.38 11.20 -9.00
C GLU A 343 -9.77 9.79 -9.38
N TYR A 344 -9.12 9.26 -10.41
CA TYR A 344 -9.40 7.92 -10.90
C TYR A 344 -8.13 7.15 -11.18
N MET A 345 -8.31 5.87 -11.45
CA MET A 345 -7.21 4.98 -11.78
C MET A 345 -7.60 4.40 -13.13
N VAL A 346 -6.82 4.72 -14.17
CA VAL A 346 -7.08 4.23 -15.50
C VAL A 346 -5.84 3.48 -15.95
N ASP A 347 -6.00 2.20 -16.27
CA ASP A 347 -4.85 1.39 -16.65
C ASP A 347 -3.79 1.50 -15.56
N ALA A 348 -4.26 1.46 -14.31
CA ALA A 348 -3.40 1.51 -13.12
C ALA A 348 -2.69 2.83 -12.85
N THR A 349 -2.98 3.86 -13.63
CA THR A 349 -2.34 5.15 -13.39
C THR A 349 -3.38 6.21 -13.11
N ALA A 350 -2.95 7.29 -12.48
CA ALA A 350 -3.84 8.38 -12.08
C ALA A 350 -4.33 9.34 -13.17
N ARG A 351 -5.54 9.86 -12.93
CA ARG A 351 -6.20 10.83 -13.80
C ARG A 351 -6.95 11.72 -12.82
N VAL A 352 -6.86 13.03 -13.02
CA VAL A 352 -7.57 13.95 -12.14
C VAL A 352 -8.40 14.93 -12.95
N GLU A 353 -9.65 15.11 -12.53
CA GLU A 353 -10.55 16.02 -13.19
C GLU A 353 -11.01 17.08 -12.21
N GLN A 354 -11.07 18.32 -12.70
CA GLN A 354 -11.49 19.46 -11.89
C GLN A 354 -12.95 19.84 -12.16
N PHE A 355 -13.69 20.08 -11.08
CA PHE A 355 -15.09 20.44 -11.16
C PHE A 355 -15.38 21.60 -10.24
N ASP A 356 -16.43 22.36 -10.54
CA ASP A 356 -16.80 23.44 -9.62
C ASP A 356 -17.89 22.78 -8.77
N TYR A 357 -18.33 23.46 -7.71
CA TYR A 357 -19.35 22.90 -6.83
C TYR A 357 -20.75 22.79 -7.44
N GLU A 358 -20.86 23.05 -8.74
CA GLU A 358 -22.16 22.93 -9.40
C GLU A 358 -22.11 21.74 -10.34
N GLY A 359 -21.01 21.01 -10.31
CA GLY A 359 -20.86 19.85 -11.15
C GLY A 359 -20.36 20.10 -12.56
N LYS A 360 -19.94 21.34 -12.83
CA LYS A 360 -19.44 21.67 -14.15
C LYS A 360 -17.96 21.28 -14.26
N ARG A 361 -17.66 20.39 -15.19
CA ARG A 361 -16.30 19.94 -15.43
C ARG A 361 -15.44 21.12 -15.91
N VAL A 362 -14.43 21.50 -15.13
CA VAL A 362 -13.58 22.62 -15.50
C VAL A 362 -12.50 22.25 -16.51
N ARG A 363 -11.80 21.15 -16.25
CA ARG A 363 -10.72 20.72 -17.12
C ARG A 363 -10.13 19.43 -16.58
N GLU A 364 -9.40 18.72 -17.42
CA GLU A 364 -8.74 17.49 -16.98
C GLU A 364 -7.35 17.96 -16.57
N VAL A 365 -7.00 17.78 -15.31
CA VAL A 365 -5.69 18.20 -14.86
C VAL A 365 -4.67 17.44 -15.67
N ALA A 366 -3.67 18.16 -16.17
CA ALA A 366 -2.63 17.53 -16.98
C ALA A 366 -1.48 17.12 -16.08
N LEU A 367 -1.50 15.88 -15.61
CA LEU A 367 -0.45 15.38 -14.72
C LEU A 367 0.89 15.23 -15.46
N PRO A 368 2.00 15.28 -14.72
CA PRO A 368 3.34 15.15 -15.30
C PRO A 368 3.60 13.82 -16.01
N GLY A 369 2.54 13.11 -16.35
CA GLY A 369 2.72 11.83 -17.01
C GLY A 369 1.92 10.72 -16.35
N LEU A 370 2.28 9.47 -16.64
CA LEU A 370 1.60 8.33 -16.07
C LEU A 370 2.21 7.92 -14.74
N GLY A 371 1.41 7.92 -13.69
CA GLY A 371 1.94 7.53 -12.39
C GLY A 371 0.92 7.53 -11.27
N SER A 372 1.39 7.82 -10.07
CA SER A 372 0.53 7.86 -8.89
C SER A 372 0.58 9.27 -8.32
N VAL A 373 -0.58 9.77 -7.90
CA VAL A 373 -0.66 11.11 -7.35
C VAL A 373 -1.15 11.17 -5.91
N SER A 374 -0.95 12.33 -5.29
CA SER A 374 -1.40 12.58 -3.93
C SER A 374 -1.61 14.08 -3.84
N GLY A 375 -2.48 14.53 -2.95
CA GLY A 375 -2.71 15.95 -2.83
C GLY A 375 -4.05 16.46 -3.38
N PHE A 376 -4.04 17.71 -3.83
CA PHE A 376 -5.25 18.35 -4.35
C PHE A 376 -6.22 18.58 -3.18
N ASN A 377 -5.66 18.74 -1.98
CA ASN A 377 -6.45 18.99 -0.77
C ASN A 377 -6.10 20.37 -0.26
N GLY A 378 -7.10 21.19 -0.01
CA GLY A 378 -6.82 22.52 0.49
C GLY A 378 -8.06 23.16 1.08
N LYS A 379 -7.91 24.39 1.53
CA LYS A 379 -9.02 25.15 2.09
C LYS A 379 -9.73 25.91 0.98
N HIS A 380 -10.86 26.51 1.32
CA HIS A 380 -11.66 27.27 0.38
C HIS A 380 -10.89 28.44 -0.24
N ASP A 381 -10.14 29.17 0.58
CA ASP A 381 -9.40 30.32 0.06
C ASP A 381 -7.90 30.15 -0.15
N ASP A 382 -7.47 28.92 -0.46
CA ASP A 382 -6.06 28.70 -0.73
C ASP A 382 -5.86 29.21 -2.15
N PRO A 383 -4.90 30.13 -2.34
CA PRO A 383 -4.65 30.67 -3.68
C PRO A 383 -4.19 29.59 -4.67
N ALA A 384 -3.48 28.59 -4.16
CA ALA A 384 -2.99 27.51 -5.01
C ALA A 384 -3.05 26.18 -4.26
N LEU A 385 -2.89 25.08 -5.01
CA LEU A 385 -2.91 23.74 -4.45
C LEU A 385 -1.63 23.01 -4.80
N TYR A 386 -1.30 22.00 -3.99
CA TYR A 386 -0.10 21.21 -4.22
C TYR A 386 -0.45 19.74 -4.40
N PHE A 387 0.32 19.06 -5.24
CA PHE A 387 0.10 17.64 -5.43
C PHE A 387 1.44 16.93 -5.65
N GLY A 388 1.50 15.68 -5.22
CA GLY A 388 2.71 14.90 -5.36
C GLY A 388 2.56 13.93 -6.52
N PHE A 389 3.66 13.67 -7.22
CA PHE A 389 3.65 12.74 -8.34
C PHE A 389 4.87 11.82 -8.28
N GLU A 390 4.72 10.62 -8.81
CA GLU A 390 5.81 9.65 -8.83
C GLU A 390 5.43 8.44 -9.67
N ASN A 391 6.45 7.64 -10.00
CA ASN A 391 6.28 6.40 -10.73
C ASN A 391 7.59 5.64 -10.70
N TYR A 392 7.66 4.49 -11.36
CA TYR A 392 8.89 3.69 -11.35
C TYR A 392 10.15 4.45 -11.78
N ALA A 393 10.02 5.42 -12.67
CA ALA A 393 11.18 6.17 -13.15
C ALA A 393 11.33 7.57 -12.54
N GLN A 394 10.37 8.00 -11.74
CA GLN A 394 10.47 9.32 -11.14
C GLN A 394 10.20 9.35 -9.65
N PRO A 395 11.18 9.80 -8.85
CA PRO A 395 11.01 9.88 -7.40
C PRO A 395 9.94 10.93 -7.03
N PRO A 396 9.30 10.76 -5.86
CA PRO A 396 8.26 11.68 -5.38
C PRO A 396 8.59 13.15 -5.60
N THR A 397 7.73 13.83 -6.35
CA THR A 397 7.94 15.25 -6.66
C THR A 397 6.73 16.11 -6.28
N LEU A 398 6.99 17.31 -5.76
CA LEU A 398 5.92 18.24 -5.40
C LEU A 398 5.66 19.25 -6.51
N TYR A 399 4.41 19.37 -6.91
CA TYR A 399 3.99 20.30 -7.95
C TYR A 399 2.98 21.32 -7.42
N ARG A 400 3.01 22.53 -7.99
CA ARG A 400 2.07 23.57 -7.60
C ARG A 400 1.05 23.68 -8.72
N PHE A 401 -0.23 23.79 -8.35
CA PHE A 401 -1.32 23.87 -9.32
C PHE A 401 -2.15 25.14 -9.11
N GLU A 402 -2.33 25.92 -10.18
CA GLU A 402 -3.12 27.14 -10.12
C GLU A 402 -4.56 26.76 -10.44
N PRO A 403 -5.45 26.78 -9.44
CA PRO A 403 -6.87 26.41 -9.64
C PRO A 403 -7.54 27.05 -10.84
N LYS A 404 -7.47 28.37 -10.93
CA LYS A 404 -8.10 29.09 -12.03
C LYS A 404 -7.56 28.79 -13.43
N SER A 405 -6.26 28.94 -13.62
CA SER A 405 -5.66 28.69 -14.94
C SER A 405 -5.36 27.22 -15.23
N GLY A 406 -5.08 26.45 -14.18
CA GLY A 406 -4.77 25.05 -14.37
C GLY A 406 -3.28 24.89 -14.60
N ALA A 407 -2.54 25.98 -14.45
CA ALA A 407 -1.09 25.98 -14.64
C ALA A 407 -0.38 25.14 -13.58
N ILE A 408 0.49 24.24 -14.05
CA ILE A 408 1.24 23.36 -13.17
C ILE A 408 2.73 23.69 -13.21
N SER A 409 3.30 23.95 -12.04
CA SER A 409 4.72 24.26 -11.95
C SER A 409 5.41 23.38 -10.91
N LEU A 410 6.70 23.14 -11.12
CA LEU A 410 7.47 22.32 -10.20
C LEU A 410 7.72 23.11 -8.91
N TYR A 411 7.36 22.53 -7.78
CA TYR A 411 7.55 23.19 -6.51
C TYR A 411 8.80 22.68 -5.78
N ARG A 412 8.91 21.36 -5.66
CA ARG A 412 10.07 20.79 -4.98
C ARG A 412 10.51 19.48 -5.64
N ALA A 413 11.68 19.53 -6.26
CA ALA A 413 12.25 18.35 -6.90
C ALA A 413 12.67 17.37 -5.80
N SER A 414 12.71 16.09 -6.11
CA SER A 414 13.10 15.08 -5.13
C SER A 414 14.59 15.19 -4.80
N ALA A 415 14.95 14.90 -3.56
CA ALA A 415 16.34 14.96 -3.15
C ALA A 415 17.03 13.62 -3.41
N ALA A 416 16.28 12.67 -3.95
CA ALA A 416 16.83 11.35 -4.26
C ALA A 416 17.86 11.46 -5.37
N PRO A 417 19.06 10.91 -5.16
CA PRO A 417 20.14 10.94 -6.16
C PRO A 417 19.81 10.22 -7.45
N PHE A 418 18.76 10.65 -8.13
CA PHE A 418 18.33 10.04 -9.39
C PHE A 418 17.67 11.12 -10.23
N LYS A 419 18.27 11.49 -11.34
CA LYS A 419 17.69 12.51 -12.20
C LYS A 419 16.64 11.89 -13.11
N PRO A 420 15.38 12.30 -12.96
CA PRO A 420 14.21 11.82 -13.73
C PRO A 420 14.37 11.78 -15.25
N GLU A 421 15.00 12.79 -15.85
CA GLU A 421 15.17 12.83 -17.30
C GLU A 421 16.03 11.69 -17.83
N ASP A 422 16.83 11.10 -16.95
CA ASP A 422 17.71 10.00 -17.31
C ASP A 422 16.98 8.66 -17.37
N TYR A 423 15.68 8.67 -17.07
CA TYR A 423 14.91 7.44 -17.06
C TYR A 423 13.65 7.50 -17.91
N VAL A 424 13.28 6.35 -18.46
CA VAL A 424 12.10 6.26 -19.29
C VAL A 424 11.13 5.22 -18.74
N SER A 425 9.85 5.56 -18.79
CA SER A 425 8.81 4.66 -18.32
C SER A 425 7.71 4.66 -19.35
N GLU A 426 7.68 3.63 -20.19
CA GLU A 426 6.67 3.55 -21.22
C GLU A 426 5.57 2.53 -20.90
N GLN A 427 4.36 2.86 -21.31
CA GLN A 427 3.21 2.01 -21.10
C GLN A 427 3.02 1.15 -22.35
N ARG A 428 2.71 -0.12 -22.16
CA ARG A 428 2.48 -1.03 -23.28
C ARG A 428 1.33 -1.94 -22.92
N PHE A 429 0.76 -2.59 -23.92
CA PHE A 429 -0.34 -3.51 -23.73
C PHE A 429 -0.10 -4.70 -24.63
N TYR A 430 -0.28 -5.90 -24.09
CA TYR A 430 -0.06 -7.11 -24.86
C TYR A 430 -1.28 -8.00 -24.75
N GLN A 431 -1.25 -9.14 -25.41
CA GLN A 431 -2.37 -10.08 -25.38
C GLN A 431 -2.04 -11.40 -24.70
N SER A 432 -2.93 -11.85 -23.84
CA SER A 432 -2.75 -13.11 -23.12
C SER A 432 -3.01 -14.28 -24.06
N LYS A 433 -3.29 -15.47 -23.51
CA LYS A 433 -3.52 -16.64 -24.34
C LYS A 433 -4.92 -16.60 -24.94
N ASP A 434 -5.93 -16.34 -24.12
CA ASP A 434 -7.30 -16.30 -24.61
C ASP A 434 -7.56 -15.03 -25.44
N GLY A 435 -6.57 -14.14 -25.50
CA GLY A 435 -6.72 -12.93 -26.28
C GLY A 435 -6.98 -11.66 -25.47
N THR A 436 -6.92 -11.77 -24.14
CA THR A 436 -7.16 -10.62 -23.28
C THR A 436 -6.00 -9.62 -23.36
N ARG A 437 -6.33 -8.34 -23.26
CA ARG A 437 -5.30 -7.30 -23.31
C ARG A 437 -4.89 -6.96 -21.88
N VAL A 438 -3.58 -6.83 -21.66
CA VAL A 438 -3.05 -6.55 -20.33
C VAL A 438 -2.03 -5.44 -20.30
N PRO A 439 -2.10 -4.55 -19.31
CA PRO A 439 -1.17 -3.43 -19.18
C PRO A 439 0.23 -3.90 -18.77
N LEU A 440 1.26 -3.16 -19.19
CA LEU A 440 2.63 -3.50 -18.83
C LEU A 440 3.44 -2.22 -18.83
N ILE A 441 4.06 -1.91 -17.69
CA ILE A 441 4.85 -0.70 -17.60
C ILE A 441 6.33 -1.07 -17.50
N ILE A 442 7.08 -0.66 -18.53
CA ILE A 442 8.50 -0.95 -18.63
C ILE A 442 9.31 0.31 -18.34
N SER A 443 10.31 0.18 -17.47
CA SER A 443 11.14 1.32 -17.12
C SER A 443 12.61 0.97 -17.28
N TYR A 444 13.42 1.98 -17.62
CA TYR A 444 14.83 1.75 -17.84
C TYR A 444 15.60 3.04 -18.05
N ARG A 445 16.93 2.92 -18.05
CA ARG A 445 17.80 4.07 -18.28
C ARG A 445 17.56 4.53 -19.71
N LYS A 446 17.59 5.85 -19.93
CA LYS A 446 17.40 6.39 -21.27
C LYS A 446 18.60 5.97 -22.11
N GLY A 447 18.35 5.56 -23.34
CA GLY A 447 19.43 5.15 -24.22
C GLY A 447 19.48 3.64 -24.45
N LEU A 448 18.45 2.96 -23.96
CA LEU A 448 18.36 1.52 -24.09
C LEU A 448 18.27 1.12 -25.57
N LYS A 449 18.86 -0.03 -25.90
CA LYS A 449 18.82 -0.52 -27.28
C LYS A 449 17.96 -1.78 -27.30
N LEU A 450 16.92 -1.81 -28.13
CA LEU A 450 16.04 -2.97 -28.21
C LEU A 450 16.69 -4.13 -28.95
N ASP A 451 17.88 -4.52 -28.50
CA ASP A 451 18.61 -5.62 -29.11
C ASP A 451 18.31 -6.95 -28.42
N GLY A 452 17.42 -6.92 -27.43
CA GLY A 452 17.04 -8.11 -26.70
C GLY A 452 18.17 -8.71 -25.86
N SER A 453 18.97 -7.86 -25.24
CA SER A 453 20.10 -8.33 -24.43
C SER A 453 20.16 -7.66 -23.05
N ASN A 454 19.12 -6.93 -22.71
CA ASN A 454 19.08 -6.22 -21.43
C ASN A 454 18.64 -7.11 -20.27
N PRO A 455 19.43 -7.13 -19.20
CA PRO A 455 19.11 -7.94 -18.00
C PRO A 455 17.78 -7.38 -17.49
N THR A 456 16.73 -8.19 -17.59
CA THR A 456 15.40 -7.76 -17.21
C THR A 456 14.73 -8.49 -16.06
N ILE A 457 14.01 -7.72 -15.25
CA ILE A 457 13.27 -8.26 -14.13
C ILE A 457 11.80 -7.97 -14.37
N LEU A 458 11.04 -9.04 -14.51
CA LEU A 458 9.60 -8.92 -14.72
C LEU A 458 8.90 -9.21 -13.39
N TYR A 459 8.12 -8.23 -12.91
CA TYR A 459 7.40 -8.33 -11.65
C TYR A 459 5.88 -8.40 -11.85
N GLY A 460 5.20 -9.08 -10.93
CA GLY A 460 3.74 -9.22 -11.00
C GLY A 460 3.16 -9.76 -9.70
N TYR A 461 1.84 -9.65 -9.55
CA TYR A 461 1.14 -10.14 -8.36
C TYR A 461 -0.03 -10.98 -8.85
N GLY A 462 -1.07 -10.30 -9.34
CA GLY A 462 -2.24 -10.98 -9.86
C GLY A 462 -3.18 -11.63 -8.87
N GLY A 463 -3.93 -10.82 -8.12
CA GLY A 463 -4.87 -11.39 -7.19
C GLY A 463 -5.34 -10.48 -6.08
N PHE A 464 -6.30 -10.98 -5.30
CA PHE A 464 -6.86 -10.30 -4.15
C PHE A 464 -7.28 -8.87 -4.38
N ASP A 465 -7.77 -8.59 -5.59
CA ASP A 465 -8.23 -7.27 -5.96
C ASP A 465 -7.16 -6.20 -5.72
N VAL A 466 -5.92 -6.62 -5.60
CA VAL A 466 -4.82 -5.70 -5.40
C VAL A 466 -4.40 -5.14 -6.75
N SER A 467 -4.29 -3.83 -6.82
CA SER A 467 -3.90 -3.17 -8.05
C SER A 467 -2.46 -2.69 -7.95
N LEU A 468 -1.64 -3.02 -8.95
CA LEU A 468 -0.25 -2.59 -8.94
C LEU A 468 -0.10 -1.22 -9.59
N THR A 469 0.00 -0.19 -8.76
CA THR A 469 0.17 1.16 -9.26
C THR A 469 1.66 1.54 -9.19
N PRO A 470 2.11 2.40 -10.11
CA PRO A 470 3.51 2.82 -10.12
C PRO A 470 3.93 3.57 -8.87
N SER A 471 5.13 3.30 -8.39
CA SER A 471 5.65 4.00 -7.22
C SER A 471 7.16 3.89 -7.26
N PHE A 472 7.85 4.96 -6.85
CA PHE A 472 9.30 4.98 -6.87
C PHE A 472 9.98 4.12 -5.80
N SER A 473 10.99 3.37 -6.24
CA SER A 473 11.75 2.47 -5.38
C SER A 473 13.25 2.68 -5.59
N VAL A 474 13.98 2.96 -4.50
CA VAL A 474 15.41 3.16 -4.61
C VAL A 474 16.07 1.91 -5.20
N SER A 475 15.67 0.74 -4.73
CA SER A 475 16.21 -0.52 -5.24
C SER A 475 16.02 -0.64 -6.75
N VAL A 476 14.81 -0.38 -7.22
CA VAL A 476 14.55 -0.46 -8.64
C VAL A 476 15.39 0.57 -9.39
N ALA A 477 15.50 1.77 -8.81
CA ALA A 477 16.29 2.83 -9.42
C ALA A 477 17.73 2.34 -9.62
N ASN A 478 18.28 1.68 -8.60
CA ASN A 478 19.64 1.17 -8.67
C ASN A 478 19.74 0.08 -9.72
N TRP A 479 18.64 -0.64 -9.93
CA TRP A 479 18.61 -1.71 -10.91
C TRP A 479 18.73 -1.07 -12.29
N LEU A 480 17.97 0.01 -12.50
CA LEU A 480 18.02 0.71 -13.78
C LEU A 480 19.41 1.28 -14.02
N ASP A 481 20.01 1.81 -12.96
CA ASP A 481 21.36 2.39 -13.05
C ASP A 481 22.42 1.34 -13.37
N LEU A 482 22.03 0.07 -13.39
CA LEU A 482 22.96 -1.02 -13.70
C LEU A 482 22.71 -1.51 -15.11
N GLY A 483 21.87 -0.77 -15.84
CA GLY A 483 21.55 -1.13 -17.22
C GLY A 483 20.38 -2.08 -17.29
N GLY A 484 19.79 -2.40 -16.13
CA GLY A 484 18.67 -3.31 -16.09
C GLY A 484 17.33 -2.69 -16.47
N VAL A 485 16.39 -3.54 -16.82
CA VAL A 485 15.03 -3.11 -17.17
C VAL A 485 14.08 -3.64 -16.08
N TYR A 486 13.06 -2.87 -15.75
CA TYR A 486 12.08 -3.28 -14.76
C TYR A 486 10.71 -3.22 -15.40
N ALA A 487 10.05 -4.38 -15.48
CA ALA A 487 8.73 -4.45 -16.10
C ALA A 487 7.66 -4.97 -15.13
N VAL A 488 6.60 -4.19 -14.96
CA VAL A 488 5.52 -4.59 -14.09
C VAL A 488 4.26 -4.87 -14.89
N ALA A 489 3.73 -6.07 -14.73
CA ALA A 489 2.52 -6.44 -15.45
C ALA A 489 1.30 -6.40 -14.54
N ASN A 490 0.19 -5.87 -15.07
CA ASN A 490 -1.06 -5.78 -14.32
C ASN A 490 -1.92 -6.98 -14.71
N LEU A 491 -1.52 -8.15 -14.21
CA LEU A 491 -2.22 -9.39 -14.51
C LEU A 491 -3.65 -9.38 -14.00
N ARG A 492 -4.45 -10.31 -14.53
CA ARG A 492 -5.82 -10.46 -14.09
C ARG A 492 -5.76 -10.93 -12.63
N GLY A 493 -6.85 -10.76 -11.89
CA GLY A 493 -6.85 -11.14 -10.48
C GLY A 493 -6.66 -9.89 -9.63
N GLY A 494 -6.03 -8.89 -10.23
CA GLY A 494 -5.79 -7.63 -9.54
C GLY A 494 -7.03 -6.75 -9.56
N GLY A 495 -6.92 -5.52 -9.09
CA GLY A 495 -8.08 -4.65 -9.08
C GLY A 495 -8.00 -3.47 -10.03
N GLU A 496 -7.24 -3.63 -11.11
CA GLU A 496 -7.07 -2.57 -12.09
C GLU A 496 -8.29 -2.29 -12.97
N TYR A 497 -9.26 -3.20 -13.01
CA TYR A 497 -10.44 -3.03 -13.83
C TYR A 497 -11.71 -3.56 -13.18
N GLY A 498 -11.91 -3.27 -11.90
CA GLY A 498 -13.10 -3.76 -11.23
C GLY A 498 -13.18 -5.26 -10.98
N GLN A 499 -14.35 -5.68 -10.50
CA GLN A 499 -14.65 -7.07 -10.14
C GLN A 499 -14.42 -8.14 -11.20
N ALA A 500 -14.85 -7.90 -12.44
CA ALA A 500 -14.68 -8.89 -13.50
C ALA A 500 -13.21 -9.25 -13.73
N TRP A 501 -12.33 -8.29 -13.52
CA TRP A 501 -10.91 -8.50 -13.72
C TRP A 501 -10.37 -9.34 -12.56
N HIS A 502 -10.89 -9.10 -11.37
CA HIS A 502 -10.48 -9.82 -10.18
C HIS A 502 -10.87 -11.30 -10.26
N LEU A 503 -12.15 -11.55 -10.54
CA LEU A 503 -12.66 -12.92 -10.61
C LEU A 503 -12.02 -13.77 -11.70
N ALA A 504 -11.60 -13.13 -12.79
CA ALA A 504 -10.96 -13.84 -13.88
C ALA A 504 -9.62 -14.43 -13.43
N GLY A 505 -9.23 -14.14 -12.18
CA GLY A 505 -7.97 -14.64 -11.66
C GLY A 505 -8.08 -15.34 -10.33
N THR A 506 -9.27 -15.85 -10.01
CA THR A 506 -9.50 -16.54 -8.75
C THR A 506 -9.99 -17.97 -8.99
N GLN A 507 -10.07 -18.73 -7.90
CA GLN A 507 -10.53 -20.12 -7.91
C GLN A 507 -10.06 -20.91 -9.12
N GLN A 508 -11.00 -21.51 -9.86
CA GLN A 508 -10.62 -22.31 -11.01
C GLN A 508 -10.27 -21.54 -12.27
N ASN A 509 -9.89 -20.27 -12.11
CA ASN A 509 -9.48 -19.43 -13.22
C ASN A 509 -8.10 -18.83 -12.94
N LYS A 510 -7.50 -19.27 -11.83
CA LYS A 510 -6.20 -18.80 -11.40
C LYS A 510 -5.16 -18.93 -12.51
N GLN A 511 -5.28 -19.98 -13.31
CA GLN A 511 -4.35 -20.22 -14.41
C GLN A 511 -4.29 -19.00 -15.36
N ASN A 512 -5.35 -18.19 -15.37
CA ASN A 512 -5.37 -17.01 -16.22
C ASN A 512 -4.25 -16.07 -15.79
N VAL A 513 -4.05 -15.98 -14.47
CA VAL A 513 -3.02 -15.12 -13.92
C VAL A 513 -1.65 -15.51 -14.48
N PHE A 514 -1.33 -16.80 -14.38
CA PHE A 514 -0.05 -17.31 -14.86
C PHE A 514 0.13 -17.12 -16.36
N ASP A 515 -0.91 -17.43 -17.13
CA ASP A 515 -0.82 -17.25 -18.58
C ASP A 515 -0.49 -15.79 -18.89
N ASP A 516 -1.21 -14.86 -18.27
CA ASP A 516 -0.95 -13.44 -18.49
C ASP A 516 0.52 -13.12 -18.23
N PHE A 517 1.04 -13.65 -17.13
CA PHE A 517 2.43 -13.40 -16.77
C PHE A 517 3.35 -14.03 -17.81
N ILE A 518 2.98 -15.23 -18.26
CA ILE A 518 3.77 -15.92 -19.27
C ILE A 518 3.78 -15.06 -20.54
N ALA A 519 2.60 -14.61 -20.97
CA ALA A 519 2.48 -13.77 -22.16
C ALA A 519 3.31 -12.51 -22.05
N ALA A 520 3.39 -11.95 -20.85
CA ALA A 520 4.16 -10.73 -20.62
C ALA A 520 5.62 -11.01 -20.89
N ALA A 521 6.10 -12.15 -20.41
CA ALA A 521 7.48 -12.54 -20.58
C ALA A 521 7.84 -12.66 -22.07
N GLU A 522 6.98 -13.32 -22.84
CA GLU A 522 7.24 -13.51 -24.25
C GLU A 522 7.25 -12.20 -25.01
N TYR A 523 6.39 -11.28 -24.58
CA TYR A 523 6.29 -9.96 -25.19
C TYR A 523 7.62 -9.23 -25.07
N LEU A 524 8.18 -9.21 -23.86
CA LEU A 524 9.45 -8.53 -23.61
C LEU A 524 10.58 -9.05 -24.48
N LYS A 525 10.48 -10.31 -24.89
CA LYS A 525 11.51 -10.91 -25.74
C LYS A 525 11.24 -10.52 -27.18
N ALA A 526 10.02 -10.73 -27.64
CA ALA A 526 9.61 -10.41 -29.00
C ALA A 526 9.93 -8.97 -29.36
N GLU A 527 9.62 -8.05 -28.44
CA GLU A 527 9.86 -6.63 -28.66
C GLU A 527 11.33 -6.25 -28.50
N GLY A 528 12.18 -7.26 -28.34
CA GLY A 528 13.60 -7.01 -28.22
C GLY A 528 14.11 -6.30 -26.98
N TYR A 529 13.36 -6.36 -25.89
CA TYR A 529 13.80 -5.74 -24.65
C TYR A 529 14.87 -6.62 -23.98
N THR A 530 14.66 -7.93 -24.03
CA THR A 530 15.55 -8.88 -23.39
C THR A 530 15.48 -10.23 -24.12
N ARG A 531 16.07 -11.25 -23.50
CA ARG A 531 16.06 -12.62 -24.06
C ARG A 531 16.11 -13.59 -22.88
N THR A 532 15.64 -14.82 -23.11
CA THR A 532 15.60 -15.86 -22.08
C THR A 532 16.74 -15.85 -21.05
N ASP A 533 17.98 -15.85 -21.51
CA ASP A 533 19.12 -15.86 -20.61
C ASP A 533 19.42 -14.50 -19.98
N ARG A 534 18.54 -13.53 -20.24
CA ARG A 534 18.69 -12.19 -19.68
C ARG A 534 17.41 -11.81 -18.93
N LEU A 535 16.51 -12.78 -18.76
CA LEU A 535 15.23 -12.57 -18.09
C LEU A 535 15.11 -13.16 -16.68
N ALA A 536 14.44 -12.42 -15.80
CA ALA A 536 14.21 -12.89 -14.43
C ALA A 536 12.79 -12.50 -14.04
N ILE A 537 12.09 -13.41 -13.36
CA ILE A 537 10.74 -13.12 -12.90
C ILE A 537 10.73 -12.98 -11.37
N ARG A 538 9.96 -12.03 -10.87
CA ARG A 538 9.92 -11.76 -9.44
C ARG A 538 8.51 -11.54 -8.89
N GLY A 539 8.31 -11.86 -7.61
CA GLY A 539 7.01 -11.69 -6.97
C GLY A 539 7.01 -12.10 -5.51
N GLY A 540 6.08 -11.53 -4.73
CA GLY A 540 6.00 -11.84 -3.30
C GLY A 540 4.61 -12.25 -2.80
N SER A 541 4.56 -13.21 -1.86
CA SER A 541 3.30 -13.73 -1.30
C SER A 541 2.49 -14.41 -2.40
N ASN A 542 1.39 -13.79 -2.78
CA ASN A 542 0.56 -14.31 -3.86
C ASN A 542 1.45 -14.14 -5.10
N GLY A 543 2.41 -13.23 -5.02
CA GLY A 543 3.35 -12.99 -6.09
C GLY A 543 4.39 -14.11 -6.13
N GLY A 544 4.72 -14.65 -4.96
CA GLY A 544 5.67 -15.75 -4.89
C GLY A 544 5.01 -16.95 -5.55
N LEU A 545 3.69 -17.09 -5.32
CA LEU A 545 2.94 -18.17 -5.92
C LEU A 545 3.08 -18.04 -7.44
N LEU A 546 2.88 -16.83 -7.93
CA LEU A 546 2.99 -16.54 -9.35
C LEU A 546 4.31 -17.08 -9.90
N VAL A 547 5.43 -16.64 -9.32
CA VAL A 547 6.74 -17.10 -9.75
C VAL A 547 6.88 -18.61 -9.67
N GLY A 548 6.48 -19.18 -8.53
CA GLY A 548 6.58 -20.61 -8.34
C GLY A 548 5.84 -21.44 -9.37
N ALA A 549 4.65 -21.00 -9.75
CA ALA A 549 3.84 -21.73 -10.72
C ALA A 549 4.44 -21.59 -12.11
N VAL A 550 4.77 -20.36 -12.48
CA VAL A 550 5.33 -20.13 -13.79
C VAL A 550 6.65 -20.85 -13.99
N MET A 551 7.48 -20.87 -12.95
CA MET A 551 8.76 -21.53 -13.08
C MET A 551 8.61 -23.05 -13.15
N THR A 552 7.50 -23.57 -12.62
CA THR A 552 7.29 -25.01 -12.67
C THR A 552 6.61 -25.42 -13.98
N GLN A 553 5.86 -24.51 -14.58
CA GLN A 553 5.19 -24.82 -15.83
C GLN A 553 6.09 -24.51 -17.02
N ARG A 554 6.88 -23.45 -16.89
CA ARG A 554 7.76 -23.04 -17.96
C ARG A 554 9.16 -22.71 -17.48
N PRO A 555 9.91 -23.72 -17.02
CA PRO A 555 11.28 -23.50 -16.52
C PRO A 555 12.24 -23.06 -17.60
N ASP A 556 11.78 -23.10 -18.85
CA ASP A 556 12.60 -22.72 -20.01
C ASP A 556 12.38 -21.25 -20.39
N LEU A 557 11.38 -20.64 -19.77
CA LEU A 557 11.02 -19.26 -20.07
C LEU A 557 11.96 -18.21 -19.51
N MET A 558 12.56 -18.48 -18.36
CA MET A 558 13.44 -17.50 -17.75
C MET A 558 14.77 -18.08 -17.33
N ARG A 559 15.69 -17.20 -16.99
CA ARG A 559 17.02 -17.61 -16.55
C ARG A 559 17.07 -17.58 -15.02
N VAL A 560 16.27 -16.69 -14.43
CA VAL A 560 16.25 -16.52 -12.98
C VAL A 560 14.83 -16.44 -12.43
N ALA A 561 14.62 -17.03 -11.26
CA ALA A 561 13.30 -17.01 -10.61
C ALA A 561 13.54 -16.52 -9.19
N LEU A 562 12.80 -15.48 -8.80
CA LEU A 562 12.96 -14.89 -7.46
C LEU A 562 11.66 -14.82 -6.69
N PRO A 563 11.21 -15.96 -6.13
CA PRO A 563 9.97 -16.02 -5.36
C PRO A 563 10.16 -15.63 -3.89
N ALA A 564 9.52 -14.55 -3.47
CA ALA A 564 9.64 -14.10 -2.09
C ALA A 564 8.39 -14.39 -1.28
N VAL A 565 8.59 -14.89 -0.06
CA VAL A 565 7.50 -15.20 0.88
C VAL A 565 6.27 -15.74 0.19
N GLY A 566 6.47 -16.68 -0.73
CA GLY A 566 5.35 -17.22 -1.47
C GLY A 566 4.52 -18.32 -0.86
N VAL A 567 3.29 -18.44 -1.36
CA VAL A 567 2.38 -19.47 -0.93
C VAL A 567 2.69 -20.50 -2.02
N LEU A 568 3.30 -21.61 -1.61
CA LEU A 568 3.75 -22.62 -2.57
C LEU A 568 3.09 -23.99 -2.43
N ASP A 569 2.65 -24.34 -1.22
CA ASP A 569 1.95 -25.60 -1.03
C ASP A 569 0.47 -25.22 -1.11
N MET A 570 -0.12 -25.35 -2.30
CA MET A 570 -1.52 -24.98 -2.50
C MET A 570 -2.53 -25.98 -1.94
N LEU A 571 -2.04 -27.14 -1.50
CA LEU A 571 -2.92 -28.16 -0.94
C LEU A 571 -3.04 -28.06 0.58
N ARG A 572 -2.13 -27.36 1.24
CA ARG A 572 -2.16 -27.26 2.69
C ARG A 572 -2.07 -25.84 3.24
N TYR A 573 -1.99 -24.86 2.36
CA TYR A 573 -1.88 -23.47 2.79
C TYR A 573 -2.99 -23.07 3.76
N HIS A 574 -4.21 -23.54 3.50
CA HIS A 574 -5.36 -23.20 4.30
C HIS A 574 -5.36 -23.75 5.72
N THR A 575 -4.52 -24.73 5.97
CA THR A 575 -4.47 -25.32 7.30
C THR A 575 -3.45 -24.60 8.18
N PHE A 576 -2.60 -23.79 7.55
CA PHE A 576 -1.58 -23.07 8.31
C PHE A 576 -2.14 -21.80 8.93
N THR A 577 -1.33 -21.18 9.78
CA THR A 577 -1.68 -19.95 10.46
C THR A 577 -1.97 -18.85 9.44
N ALA A 578 -3.10 -18.15 9.62
CA ALA A 578 -3.49 -17.05 8.75
C ALA A 578 -3.82 -17.42 7.30
N GLY A 579 -3.65 -18.69 6.95
CA GLY A 579 -3.96 -19.09 5.59
C GLY A 579 -5.45 -19.02 5.28
N THR A 580 -6.29 -19.09 6.32
CA THR A 580 -7.73 -19.05 6.15
C THR A 580 -8.23 -17.89 5.27
N GLY A 581 -7.70 -16.70 5.52
CA GLY A 581 -8.10 -15.52 4.78
C GLY A 581 -7.87 -15.45 3.27
N TRP A 582 -7.27 -16.49 2.69
CA TRP A 582 -7.02 -16.46 1.25
C TRP A 582 -7.86 -17.47 0.50
N ALA A 583 -8.84 -18.03 1.20
CA ALA A 583 -9.71 -19.03 0.62
C ALA A 583 -10.60 -18.50 -0.50
N TYR A 584 -11.05 -17.26 -0.37
CA TYR A 584 -11.91 -16.67 -1.39
C TYR A 584 -11.24 -16.61 -2.76
N ASP A 585 -9.96 -16.25 -2.76
CA ASP A 585 -9.20 -16.13 -3.99
C ASP A 585 -8.68 -17.45 -4.54
N TYR A 586 -8.34 -18.38 -3.67
CA TYR A 586 -7.78 -19.65 -4.10
C TYR A 586 -8.71 -20.86 -4.06
N GLY A 587 -9.51 -20.96 -3.02
CA GLY A 587 -10.37 -22.11 -2.87
C GLY A 587 -9.49 -23.08 -2.09
N THR A 588 -9.98 -24.28 -1.78
CA THR A 588 -9.15 -25.22 -1.03
C THR A 588 -9.25 -26.65 -1.49
N SER A 589 -8.21 -27.43 -1.19
CA SER A 589 -8.15 -28.83 -1.58
C SER A 589 -9.32 -29.63 -1.02
N ALA A 590 -9.91 -29.12 0.06
CA ALA A 590 -11.03 -29.76 0.73
C ALA A 590 -12.40 -29.34 0.13
N ASP A 591 -12.43 -28.22 -0.57
CA ASP A 591 -13.68 -27.73 -1.17
C ASP A 591 -14.42 -28.81 -1.94
N SER A 592 -13.74 -29.44 -2.88
CA SER A 592 -14.35 -30.49 -3.68
C SER A 592 -13.28 -31.17 -4.52
N GLU A 593 -13.59 -32.35 -5.04
CA GLU A 593 -12.64 -33.07 -5.86
C GLU A 593 -12.21 -32.24 -7.05
N ALA A 594 -13.11 -31.39 -7.54
CA ALA A 594 -12.81 -30.53 -8.67
C ALA A 594 -11.80 -29.47 -8.29
N MET A 595 -12.03 -28.82 -7.16
CA MET A 595 -11.13 -27.78 -6.69
C MET A 595 -9.76 -28.40 -6.41
N PHE A 596 -9.76 -29.58 -5.80
CA PHE A 596 -8.53 -30.27 -5.48
C PHE A 596 -7.67 -30.53 -6.71
N ASP A 597 -8.30 -31.03 -7.76
CA ASP A 597 -7.58 -31.34 -9.00
C ASP A 597 -6.99 -30.09 -9.62
N TYR A 598 -7.68 -28.96 -9.46
CA TYR A 598 -7.19 -27.72 -10.02
C TYR A 598 -6.02 -27.22 -9.19
N LEU A 599 -6.19 -27.21 -7.87
CA LEU A 599 -5.14 -26.77 -6.97
C LEU A 599 -3.88 -27.62 -7.16
N LYS A 600 -4.07 -28.94 -7.18
CA LYS A 600 -2.94 -29.85 -7.36
C LYS A 600 -2.31 -29.65 -8.74
N GLY A 601 -3.13 -29.26 -9.71
CA GLY A 601 -2.65 -29.06 -11.06
C GLY A 601 -1.63 -27.96 -11.26
N TYR A 602 -1.64 -26.94 -10.41
CA TYR A 602 -0.68 -25.86 -10.54
C TYR A 602 0.18 -25.64 -9.30
N SER A 603 -0.24 -26.17 -8.15
CA SER A 603 0.51 -26.02 -6.91
C SER A 603 2.00 -26.18 -7.16
N PRO A 604 2.79 -25.11 -6.95
CA PRO A 604 4.23 -25.15 -7.17
C PRO A 604 4.95 -26.33 -6.52
N LEU A 605 4.70 -26.54 -5.23
CA LEU A 605 5.34 -27.62 -4.50
C LEU A 605 5.20 -28.98 -5.17
N HIS A 606 3.99 -29.27 -5.64
CA HIS A 606 3.67 -30.54 -6.27
C HIS A 606 3.95 -30.65 -7.77
N ASN A 607 4.41 -29.56 -8.38
CA ASN A 607 4.71 -29.61 -9.80
C ASN A 607 6.19 -29.56 -10.13
N VAL A 608 7.03 -29.60 -9.10
CA VAL A 608 8.46 -29.65 -9.29
C VAL A 608 8.64 -31.12 -9.66
N ARG A 609 9.39 -31.41 -10.71
CA ARG A 609 9.57 -32.80 -11.13
C ARG A 609 11.02 -33.23 -11.25
N PRO A 610 11.34 -34.45 -10.81
CA PRO A 610 12.71 -34.95 -10.90
C PRO A 610 13.21 -34.95 -12.34
N GLY A 611 14.48 -34.60 -12.54
CA GLY A 611 15.05 -34.60 -13.87
C GLY A 611 14.99 -33.29 -14.63
N VAL A 612 13.99 -32.46 -14.32
CA VAL A 612 13.83 -31.18 -15.00
C VAL A 612 14.92 -30.18 -14.62
N SER A 613 15.34 -29.38 -15.58
CA SER A 613 16.35 -28.36 -15.35
C SER A 613 15.67 -27.02 -15.12
N TYR A 614 15.66 -26.57 -13.88
CA TYR A 614 15.01 -25.30 -13.52
C TYR A 614 15.95 -24.12 -13.61
N PRO A 615 15.39 -22.91 -13.71
CA PRO A 615 16.21 -21.69 -13.79
C PRO A 615 16.94 -21.45 -12.47
N SER A 616 17.88 -20.53 -12.46
CA SER A 616 18.57 -20.20 -11.23
C SER A 616 17.50 -19.64 -10.29
N THR A 617 17.49 -20.12 -9.06
CA THR A 617 16.47 -19.70 -8.12
C THR A 617 16.97 -19.28 -6.76
N MET A 618 16.36 -18.22 -6.24
CA MET A 618 16.67 -17.76 -4.90
C MET A 618 15.35 -17.52 -4.18
N VAL A 619 14.99 -18.47 -3.34
CA VAL A 619 13.78 -18.39 -2.56
C VAL A 619 14.14 -17.52 -1.36
N THR A 620 13.29 -16.55 -1.04
CA THR A 620 13.52 -15.66 0.09
C THR A 620 12.34 -15.70 1.05
N THR A 621 12.65 -15.69 2.34
CA THR A 621 11.62 -15.71 3.38
C THR A 621 12.27 -15.43 4.72
N ALA A 622 11.45 -15.01 5.68
CA ALA A 622 11.93 -14.77 7.03
C ALA A 622 11.91 -16.15 7.68
N ASP A 623 12.59 -16.31 8.81
CA ASP A 623 12.62 -17.60 9.51
C ASP A 623 11.31 -17.88 10.24
N HIS A 624 10.57 -16.82 10.53
CA HIS A 624 9.29 -16.92 11.23
C HIS A 624 8.38 -15.83 10.66
N ASN A 625 7.14 -16.18 10.36
CA ASN A 625 6.20 -15.22 9.79
C ASN A 625 4.77 -15.74 9.95
N ASP A 626 3.89 -14.90 10.49
CA ASP A 626 2.49 -15.30 10.70
C ASP A 626 1.59 -15.19 9.47
N ARG A 627 1.83 -14.20 8.62
CA ARG A 627 1.01 -14.02 7.42
C ARG A 627 1.24 -15.18 6.45
N VAL A 628 2.47 -15.33 5.99
CA VAL A 628 2.83 -16.44 5.07
C VAL A 628 3.90 -17.28 5.75
N VAL A 629 3.52 -18.45 6.25
CA VAL A 629 4.48 -19.31 6.94
C VAL A 629 5.65 -19.75 6.05
N PRO A 630 6.87 -19.82 6.62
CA PRO A 630 8.09 -20.22 5.91
C PRO A 630 7.95 -21.62 5.32
N ALA A 631 7.08 -22.42 5.93
CA ALA A 631 6.85 -23.79 5.48
C ALA A 631 6.78 -23.90 3.96
N HIS A 632 6.12 -22.94 3.33
CA HIS A 632 6.00 -22.93 1.88
C HIS A 632 7.37 -22.86 1.21
N SER A 633 8.16 -21.86 1.60
CA SER A 633 9.50 -21.66 1.04
C SER A 633 10.47 -22.80 1.38
N PHE A 634 10.41 -23.27 2.61
CA PHE A 634 11.29 -24.35 3.06
C PHE A 634 11.04 -25.61 2.25
N LYS A 635 9.79 -26.03 2.16
CA LYS A 635 9.44 -27.24 1.41
C LYS A 635 9.69 -27.08 -0.07
N PHE A 636 9.40 -25.91 -0.62
CA PHE A 636 9.62 -25.67 -2.04
C PHE A 636 11.13 -25.73 -2.35
N ALA A 637 11.93 -25.00 -1.59
CA ALA A 637 13.38 -24.98 -1.80
C ALA A 637 13.96 -26.40 -1.69
N ALA A 638 13.54 -27.12 -0.65
CA ALA A 638 14.02 -28.48 -0.43
C ALA A 638 13.70 -29.40 -1.62
N THR A 639 12.51 -29.22 -2.21
CA THR A 639 12.10 -30.03 -3.33
C THR A 639 12.93 -29.69 -4.58
N LEU A 640 13.16 -28.40 -4.81
CA LEU A 640 13.95 -27.94 -5.96
C LEU A 640 15.38 -28.47 -5.90
N GLN A 641 15.96 -28.51 -4.71
CA GLN A 641 17.32 -28.99 -4.57
C GLN A 641 17.40 -30.47 -4.88
N ALA A 642 16.38 -31.21 -4.45
CA ALA A 642 16.33 -32.65 -4.64
C ALA A 642 15.98 -33.08 -6.08
N ASP A 643 15.14 -32.32 -6.76
CA ASP A 643 14.71 -32.68 -8.10
C ASP A 643 15.47 -32.08 -9.28
N ASN A 644 15.89 -30.83 -9.16
CA ASN A 644 16.60 -30.17 -10.25
C ASN A 644 17.77 -31.02 -10.74
N ALA A 645 17.90 -31.14 -12.06
CA ALA A 645 18.97 -31.93 -12.66
C ALA A 645 19.91 -31.08 -13.49
N GLY A 646 19.67 -29.78 -13.53
CA GLY A 646 20.53 -28.92 -14.33
C GLY A 646 21.66 -28.30 -13.53
N PRO A 647 22.42 -27.41 -14.16
CA PRO A 647 23.56 -26.70 -13.57
C PRO A 647 23.18 -25.48 -12.72
N HIS A 648 21.94 -25.01 -12.88
CA HIS A 648 21.47 -23.83 -12.14
C HIS A 648 21.26 -24.09 -10.65
N PRO A 649 21.77 -23.19 -9.79
CA PRO A 649 21.62 -23.33 -8.34
C PRO A 649 20.21 -23.02 -7.84
N GLN A 650 19.75 -23.81 -6.88
CA GLN A 650 18.43 -23.66 -6.28
C GLN A 650 18.73 -23.29 -4.85
N LEU A 651 18.70 -21.98 -4.56
CA LEU A 651 19.02 -21.52 -3.22
C LEU A 651 17.86 -20.85 -2.50
N ILE A 652 18.00 -20.81 -1.17
CA ILE A 652 17.02 -20.16 -0.33
C ILE A 652 17.77 -19.30 0.67
N ARG A 653 17.37 -18.04 0.77
CA ARG A 653 17.96 -17.09 1.70
C ARG A 653 16.93 -16.81 2.79
N ILE A 654 17.22 -17.22 4.03
CA ILE A 654 16.28 -17.00 5.12
C ILE A 654 16.72 -15.88 6.05
N GLU A 655 15.93 -14.81 6.10
CA GLU A 655 16.21 -13.66 6.96
C GLU A 655 15.89 -14.03 8.40
N THR A 656 16.83 -13.73 9.30
CA THR A 656 16.63 -14.03 10.72
C THR A 656 16.42 -12.72 11.48
N ASN A 657 15.87 -12.82 12.68
CA ASN A 657 15.60 -11.64 13.50
C ASN A 657 14.72 -10.64 12.75
N PRO A 665 14.45 -3.03 9.43
CA PRO A 665 15.81 -2.47 9.43
C PRO A 665 16.27 -2.17 7.99
N VAL A 666 16.69 -0.93 7.74
CA VAL A 666 17.14 -0.57 6.40
C VAL A 666 18.39 -1.35 6.01
N ALA A 667 19.25 -1.62 6.99
CA ALA A 667 20.48 -2.35 6.74
C ALA A 667 20.15 -3.69 6.10
N LYS A 668 19.23 -4.43 6.73
CA LYS A 668 18.82 -5.73 6.23
C LYS A 668 18.17 -5.64 4.85
N LEU A 669 17.34 -4.61 4.64
CA LEU A 669 16.67 -4.43 3.36
C LEU A 669 17.70 -4.20 2.27
N ILE A 670 18.68 -3.35 2.56
CA ILE A 670 19.74 -3.03 1.62
C ILE A 670 20.48 -4.32 1.26
N GLU A 671 20.83 -5.08 2.30
CA GLU A 671 21.54 -6.33 2.13
C GLU A 671 20.77 -7.31 1.24
N GLN A 672 19.45 -7.38 1.43
CA GLN A 672 18.62 -8.28 0.65
C GLN A 672 18.58 -7.90 -0.83
N SER A 673 18.41 -6.62 -1.11
CA SER A 673 18.37 -6.15 -2.49
C SER A 673 19.68 -6.43 -3.22
N ALA A 674 20.79 -6.19 -2.53
CA ALA A 674 22.11 -6.42 -3.10
C ALA A 674 22.26 -7.89 -3.48
N ASP A 675 21.93 -8.79 -2.55
CA ASP A 675 22.05 -10.22 -2.80
C ASP A 675 21.23 -10.68 -4.01
N ILE A 676 20.01 -10.15 -4.13
CA ILE A 676 19.16 -10.52 -5.25
C ILE A 676 19.69 -9.99 -6.58
N TYR A 677 20.11 -8.72 -6.60
CA TYR A 677 20.63 -8.17 -7.84
C TYR A 677 21.97 -8.79 -8.19
N ALA A 678 22.85 -8.91 -7.20
CA ALA A 678 24.15 -9.51 -7.43
C ALA A 678 23.95 -10.91 -8.00
N PHE A 679 23.10 -11.68 -7.31
CA PHE A 679 22.77 -13.05 -7.71
C PHE A 679 22.17 -13.11 -9.12
N THR A 680 21.17 -12.26 -9.37
CA THR A 680 20.52 -12.26 -10.68
C THR A 680 21.51 -11.98 -11.81
N LEU A 681 22.41 -11.01 -11.59
CA LEU A 681 23.38 -10.65 -12.61
C LEU A 681 24.42 -11.76 -12.77
N TYR A 682 24.90 -12.26 -11.64
CA TYR A 682 25.88 -13.31 -11.62
C TYR A 682 25.36 -14.56 -12.31
N GLU A 683 24.06 -14.81 -12.18
CA GLU A 683 23.45 -15.98 -12.79
C GLU A 683 23.20 -15.79 -14.29
N MET A 684 23.22 -14.55 -14.73
CA MET A 684 23.01 -14.28 -16.15
C MET A 684 24.35 -14.29 -16.88
N GLY A 685 25.41 -14.66 -16.15
CA GLY A 685 26.72 -14.74 -16.74
C GLY A 685 27.63 -13.55 -16.53
N TYR A 686 27.07 -12.41 -16.13
CA TYR A 686 27.90 -11.22 -15.91
C TYR A 686 28.99 -11.51 -14.89
N ARG A 687 30.23 -11.21 -15.28
CA ARG A 687 31.37 -11.42 -14.40
C ARG A 687 31.96 -10.06 -14.09
N GLU A 688 31.23 -9.04 -14.55
CA GLU A 688 31.59 -7.64 -14.37
C GLU A 688 30.25 -6.93 -14.47
N LEU A 689 30.05 -5.85 -13.71
CA LEU A 689 28.78 -5.13 -13.80
C LEU A 689 28.53 -4.85 -15.28
N PRO A 690 27.25 -4.80 -15.70
CA PRO A 690 26.96 -4.54 -17.12
C PRO A 690 27.71 -3.30 -17.60
N ARG A 691 27.51 -2.97 -18.88
CA ARG A 691 28.13 -1.83 -19.56
C ARG A 691 29.23 -2.35 -20.50
C1 GOL B . -25.85 23.44 -6.88
O1 GOL B . -24.61 23.18 -7.55
C2 GOL B . -26.66 22.15 -6.82
O2 GOL B . -25.93 21.14 -6.11
C3 GOL B . -27.99 22.41 -6.11
O3 GOL B . -28.75 21.21 -6.05
#